data_6L48
#
_entry.id   6L48
#
loop_
_entity.id
_entity.type
_entity.pdbx_description
1 polymer 'Sterol O-acyltransferase 1'
2 non-polymer CHOLESTEROL
#
_entity_poly.entity_id   1
_entity_poly.type   'polypeptide(L)'
_entity_poly.pdbx_seq_one_letter_code
;MKEVGSHFDDFVTNLIEKSASLDNGGCALTTFSVLEGEKNNHRAKDLRAPPEQGKIFIARRSLLDELLEVDHIRTIYHMF
IALLILFILSTLVVDYIDEGRLVLEFSLLSYAFGKFPTVVWTWWIMFLSTFSVPYFLFQHWATGYSKSSHPLIRSLFHGF
LFMIFQIGVLGFGPTYVVLAYTLPPASRFIIIFEQIRFVMKAHSFVRENVPRVLNSAKEKSSTVPIPTVNQYLYFLFAPT
LIYRDSYPRNPTVRWGYVAMKFAQVFGCFFYVYYIFERLCAPLFRNIKQEPFSARVLVLCVFNSILPGVLILFLTFFAFL
HCWLNAFAEMLRFGDRMFYKDWWNSTSYSNYYRTWNVVVHDWLYYYAYKDFLWFFSKRFKSAAMLAVFAVSAVVHEYALA
VCLSFFYPVLFVLFMFFGMAFNFIVNDSRKKPIWNVLMWTSLFLGNGVLLCFYSQEWYARQHCPLKNPTFLDYVRPRSWT
CRYVF
;
_entity_poly.pdbx_strand_id   A,B
#
loop_
_chem_comp.id
_chem_comp.type
_chem_comp.name
_chem_comp.formula
CLR non-polymer CHOLESTEROL 'C27 H46 O'
#
# COMPACT_ATOMS: atom_id res chain seq x y z
N LYS A 55 -16.56 -13.09 29.19
CA LYS A 55 -16.76 -12.36 27.94
C LYS A 55 -17.96 -12.88 27.17
N ILE A 56 -18.76 -11.97 26.62
CA ILE A 56 -19.92 -12.32 25.82
C ILE A 56 -19.48 -12.48 24.37
N PHE A 57 -19.93 -13.54 23.73
CA PHE A 57 -19.63 -13.79 22.32
C PHE A 57 -20.87 -13.44 21.49
N ILE A 58 -20.84 -12.28 20.85
CA ILE A 58 -21.92 -11.82 19.97
C ILE A 58 -21.54 -12.19 18.54
N ALA A 59 -22.55 -12.53 17.74
CA ALA A 59 -22.36 -13.24 16.47
C ALA A 59 -21.89 -12.34 15.33
N ARG A 60 -21.30 -11.18 15.59
CA ARG A 60 -20.83 -10.33 14.50
C ARG A 60 -19.64 -10.98 13.79
N ARG A 61 -19.53 -10.70 12.49
CA ARG A 61 -18.52 -11.32 11.65
C ARG A 61 -17.16 -10.67 11.88
N SER A 62 -16.19 -11.05 11.07
CA SER A 62 -14.90 -10.36 11.04
C SER A 62 -15.07 -8.98 10.40
N LEU A 63 -14.27 -8.03 10.88
CA LEU A 63 -14.40 -6.65 10.39
C LEU A 63 -13.94 -6.54 8.93
N LEU A 64 -12.90 -7.30 8.56
CA LEU A 64 -12.40 -7.22 7.19
C LEU A 64 -13.36 -7.89 6.21
N ASP A 65 -14.10 -8.91 6.65
CA ASP A 65 -15.04 -9.57 5.76
C ASP A 65 -16.22 -8.69 5.38
N GLU A 66 -16.52 -7.67 6.18
CA GLU A 66 -17.55 -6.70 5.83
C GLU A 66 -16.97 -5.39 5.31
N LEU A 67 -15.69 -5.15 5.53
CA LEU A 67 -15.03 -3.96 4.99
C LEU A 67 -14.48 -4.19 3.59
N LEU A 68 -14.29 -5.44 3.18
CA LEU A 68 -13.67 -5.75 1.89
C LEU A 68 -14.64 -5.65 0.72
N GLU A 69 -15.93 -5.40 0.96
CA GLU A 69 -16.86 -5.20 -0.14
C GLU A 69 -16.84 -3.78 -0.70
N VAL A 70 -16.27 -2.83 0.04
CA VAL A 70 -16.07 -1.49 -0.51
C VAL A 70 -15.01 -1.56 -1.60
N ASP A 71 -15.33 -1.00 -2.77
CA ASP A 71 -14.54 -1.26 -3.98
C ASP A 71 -13.14 -0.64 -3.93
N HIS A 72 -12.90 0.35 -3.08
CA HIS A 72 -11.53 0.83 -2.90
C HIS A 72 -10.70 -0.21 -2.16
N ILE A 73 -11.25 -0.79 -1.10
CA ILE A 73 -10.56 -1.87 -0.43
C ILE A 73 -10.55 -3.12 -1.29
N ARG A 74 -11.61 -3.32 -2.10
CA ARG A 74 -11.64 -4.44 -3.03
C ARG A 74 -10.52 -4.32 -4.06
N THR A 75 -10.26 -3.12 -4.57
CA THR A 75 -9.15 -2.96 -5.49
C THR A 75 -7.81 -2.95 -4.77
N ILE A 76 -7.76 -2.67 -3.47
CA ILE A 76 -6.54 -2.95 -2.71
C ILE A 76 -6.27 -4.45 -2.71
N TYR A 77 -7.31 -5.25 -2.51
CA TYR A 77 -7.17 -6.71 -2.52
C TYR A 77 -6.75 -7.22 -3.90
N HIS A 78 -7.38 -6.71 -4.95
CA HIS A 78 -6.99 -7.08 -6.31
C HIS A 78 -5.60 -6.59 -6.64
N MET A 79 -5.20 -5.43 -6.11
CA MET A 79 -3.83 -4.97 -6.26
C MET A 79 -2.86 -5.96 -5.64
N PHE A 80 -3.20 -6.48 -4.46
CA PHE A 80 -2.33 -7.47 -3.83
C PHE A 80 -2.25 -8.76 -4.66
N ILE A 81 -3.39 -9.26 -5.14
CA ILE A 81 -3.32 -10.53 -5.88
C ILE A 81 -2.73 -10.33 -7.27
N ALA A 82 -2.80 -9.12 -7.83
CA ALA A 82 -2.08 -8.84 -9.07
C ALA A 82 -0.58 -8.71 -8.82
N LEU A 83 -0.19 -8.20 -7.66
CA LEU A 83 1.21 -8.27 -7.26
C LEU A 83 1.65 -9.71 -7.09
N LEU A 84 0.76 -10.57 -6.60
CA LEU A 84 1.06 -11.99 -6.51
C LEU A 84 1.20 -12.62 -7.90
N ILE A 85 0.36 -12.21 -8.85
CA ILE A 85 0.49 -12.69 -10.22
C ILE A 85 1.83 -12.27 -10.80
N LEU A 86 2.22 -11.02 -10.58
CA LEU A 86 3.52 -10.56 -11.04
C LEU A 86 4.65 -11.30 -10.33
N PHE A 87 4.47 -11.65 -9.05
CA PHE A 87 5.46 -12.45 -8.33
C PHE A 87 5.65 -13.81 -8.99
N ILE A 88 4.55 -14.53 -9.23
CA ILE A 88 4.68 -15.86 -9.81
C ILE A 88 5.19 -15.76 -11.24
N LEU A 89 4.85 -14.70 -11.97
CA LEU A 89 5.35 -14.56 -13.33
C LEU A 89 6.84 -14.28 -13.35
N SER A 90 7.31 -13.37 -12.50
CA SER A 90 8.74 -13.13 -12.42
C SER A 90 9.49 -14.38 -11.96
N THR A 91 8.92 -15.11 -11.00
CA THR A 91 9.58 -16.31 -10.49
C THR A 91 9.69 -17.38 -11.57
N LEU A 92 8.59 -17.63 -12.29
CA LEU A 92 8.63 -18.63 -13.36
C LEU A 92 9.55 -18.20 -14.49
N VAL A 93 9.59 -16.90 -14.80
CA VAL A 93 10.46 -16.43 -15.87
C VAL A 93 11.93 -16.57 -15.48
N VAL A 94 12.25 -16.22 -14.23
CA VAL A 94 13.62 -16.36 -13.76
C VAL A 94 14.03 -17.83 -13.74
N ASP A 95 13.14 -18.71 -13.27
CA ASP A 95 13.46 -20.13 -13.24
C ASP A 95 13.60 -20.70 -14.64
N TYR A 96 12.81 -20.21 -15.59
CA TYR A 96 12.88 -20.71 -16.96
C TYR A 96 14.08 -20.16 -17.72
N ILE A 97 14.58 -18.99 -17.33
CA ILE A 97 15.79 -18.47 -17.96
C ILE A 97 17.05 -18.97 -17.27
N ASP A 98 16.95 -19.46 -16.04
CA ASP A 98 18.10 -20.02 -15.34
C ASP A 98 18.27 -21.51 -15.62
N GLU A 99 17.18 -22.28 -15.51
CA GLU A 99 17.24 -23.71 -15.73
C GLU A 99 16.96 -24.11 -17.17
N GLY A 100 16.37 -23.22 -17.97
CA GLY A 100 16.00 -23.51 -19.34
C GLY A 100 14.64 -24.16 -19.50
N ARG A 101 14.19 -24.89 -18.48
CA ARG A 101 12.92 -25.60 -18.52
C ARG A 101 12.56 -25.95 -17.08
N LEU A 102 11.59 -26.86 -16.92
CA LEU A 102 11.22 -27.48 -15.64
C LEU A 102 10.89 -26.43 -14.58
N VAL A 103 9.79 -25.72 -14.83
CA VAL A 103 9.23 -24.73 -13.91
C VAL A 103 8.57 -25.42 -12.73
N LEU A 104 8.16 -24.63 -11.72
CA LEU A 104 7.31 -25.07 -10.63
C LEU A 104 7.99 -26.16 -9.78
N GLU A 105 9.07 -25.74 -9.11
CA GLU A 105 9.87 -26.63 -8.27
C GLU A 105 9.35 -26.72 -6.83
N PHE A 106 9.10 -25.57 -6.19
CA PHE A 106 8.68 -25.48 -4.78
C PHE A 106 9.72 -26.10 -3.85
N SER A 107 10.88 -25.45 -3.80
CA SER A 107 12.02 -25.96 -3.03
C SER A 107 11.89 -25.64 -1.55
N LEU A 108 11.74 -24.36 -1.19
CA LEU A 108 11.79 -23.97 0.21
C LEU A 108 10.59 -24.49 1.00
N LEU A 109 9.46 -24.77 0.35
CA LEU A 109 8.37 -25.43 1.03
C LEU A 109 8.62 -26.91 1.25
N SER A 110 9.46 -27.53 0.41
CA SER A 110 9.93 -28.88 0.71
C SER A 110 10.99 -28.88 1.80
N TYR A 111 11.69 -27.77 1.99
CA TYR A 111 12.66 -27.66 3.08
C TYR A 111 11.98 -27.41 4.42
N ALA A 112 11.24 -26.29 4.52
CA ALA A 112 10.68 -25.87 5.80
C ALA A 112 9.52 -26.74 6.27
N PHE A 113 8.97 -27.59 5.40
CA PHE A 113 7.93 -28.55 5.76
C PHE A 113 8.43 -29.97 5.58
N GLY A 114 9.66 -30.22 6.02
CA GLY A 114 10.33 -31.49 5.77
C GLY A 114 9.75 -32.70 6.49
N LYS A 115 9.83 -32.71 7.82
CA LYS A 115 9.45 -33.89 8.60
C LYS A 115 7.96 -33.83 8.98
N PHE A 116 7.12 -33.80 7.95
CA PHE A 116 5.68 -33.64 8.14
C PHE A 116 5.01 -34.88 8.72
N PRO A 117 5.43 -36.11 8.40
CA PRO A 117 4.87 -37.26 9.13
C PRO A 117 5.16 -37.21 10.62
N THR A 118 6.39 -36.84 11.00
CA THR A 118 6.70 -36.65 12.41
C THR A 118 5.81 -35.56 13.02
N VAL A 119 5.59 -34.48 12.28
CA VAL A 119 4.76 -33.39 12.78
C VAL A 119 3.32 -33.85 12.99
N VAL A 120 2.77 -34.61 12.05
CA VAL A 120 1.38 -35.02 12.21
C VAL A 120 1.25 -36.05 13.31
N TRP A 121 2.25 -36.91 13.50
CA TRP A 121 2.19 -37.86 14.62
C TRP A 121 2.30 -37.15 15.96
N THR A 122 3.20 -36.15 16.04
CA THR A 122 3.33 -35.38 17.27
C THR A 122 2.06 -34.61 17.58
N TRP A 123 1.45 -33.98 16.58
CA TRP A 123 0.21 -33.27 16.80
C TRP A 123 -0.94 -34.22 17.11
N TRP A 124 -0.92 -35.44 16.60
CA TRP A 124 -1.98 -36.39 16.91
C TRP A 124 -1.87 -36.86 18.36
N ILE A 125 -0.66 -37.20 18.81
CA ILE A 125 -0.51 -37.60 20.21
C ILE A 125 -0.74 -36.41 21.13
N MET A 126 -0.44 -35.18 20.67
CA MET A 126 -0.70 -33.99 21.46
C MET A 126 -2.19 -33.72 21.59
N PHE A 127 -2.92 -33.83 20.49
CA PHE A 127 -4.37 -33.70 20.52
C PHE A 127 -5.00 -34.74 21.43
N LEU A 128 -4.55 -36.00 21.32
CA LEU A 128 -5.08 -37.04 22.19
C LEU A 128 -4.77 -36.75 23.66
N SER A 129 -3.55 -36.30 23.95
CA SER A 129 -3.16 -36.01 25.33
C SER A 129 -4.00 -34.89 25.90
N THR A 130 -4.03 -33.74 25.21
CA THR A 130 -4.80 -32.60 25.69
C THR A 130 -6.30 -32.87 25.71
N PHE A 131 -6.78 -33.81 24.91
CA PHE A 131 -8.20 -34.13 24.92
C PHE A 131 -8.56 -35.10 26.04
N SER A 132 -7.66 -36.02 26.40
CA SER A 132 -7.95 -37.06 27.37
C SER A 132 -7.47 -36.73 28.78
N VAL A 133 -6.19 -36.41 28.95
CA VAL A 133 -5.58 -36.32 30.27
C VAL A 133 -6.17 -35.18 31.09
N PRO A 134 -6.30 -33.94 30.58
CA PRO A 134 -6.96 -32.91 31.39
C PRO A 134 -8.42 -33.23 31.66
N TYR A 135 -9.13 -33.75 30.67
CA TYR A 135 -10.54 -34.06 30.86
C TYR A 135 -10.73 -35.17 31.88
N PHE A 136 -9.96 -36.26 31.75
CA PHE A 136 -10.07 -37.36 32.70
C PHE A 136 -9.60 -36.94 34.10
N LEU A 137 -8.55 -36.13 34.16
CA LEU A 137 -8.07 -35.63 35.44
C LEU A 137 -9.15 -34.82 36.16
N PHE A 138 -9.79 -33.91 35.43
CA PHE A 138 -10.85 -33.10 36.04
C PHE A 138 -12.07 -33.95 36.40
N GLN A 139 -12.39 -34.94 35.56
CA GLN A 139 -13.50 -35.84 35.87
C GLN A 139 -13.23 -36.63 37.13
N HIS A 140 -11.99 -37.09 37.32
CA HIS A 140 -11.64 -37.82 38.53
C HIS A 140 -11.59 -36.89 39.75
N TRP A 141 -11.22 -35.63 39.56
CA TRP A 141 -11.10 -34.71 40.68
C TRP A 141 -12.45 -34.22 41.19
N ALA A 142 -13.43 -34.02 40.31
CA ALA A 142 -14.67 -33.37 40.71
C ALA A 142 -15.41 -34.17 41.78
N THR A 143 -15.63 -35.47 41.53
CA THR A 143 -16.41 -36.28 42.46
C THR A 143 -15.69 -36.43 43.80
N GLY A 144 -14.38 -36.66 43.76
CA GLY A 144 -13.63 -36.76 45.00
C GLY A 144 -13.58 -35.47 45.78
N TYR A 145 -13.59 -34.33 45.08
CA TYR A 145 -13.72 -33.05 45.77
C TYR A 145 -15.08 -32.91 46.42
N SER A 146 -16.11 -33.47 45.77
CA SER A 146 -17.46 -33.42 46.35
C SER A 146 -17.56 -34.27 47.62
N LYS A 147 -16.95 -35.46 47.61
CA LYS A 147 -17.22 -36.45 48.65
C LYS A 147 -16.20 -36.48 49.79
N SER A 148 -14.93 -36.16 49.52
CA SER A 148 -13.90 -36.37 50.52
C SER A 148 -14.11 -35.50 51.76
N SER A 149 -13.57 -35.96 52.88
CA SER A 149 -13.71 -35.22 54.13
C SER A 149 -12.88 -33.95 54.13
N HIS A 150 -11.64 -34.03 53.66
CA HIS A 150 -10.80 -32.84 53.55
C HIS A 150 -10.49 -32.56 52.09
N PRO A 151 -11.08 -31.53 51.48
CA PRO A 151 -10.79 -31.20 50.09
C PRO A 151 -9.66 -30.20 49.90
N LEU A 152 -9.15 -29.61 50.99
CA LEU A 152 -8.09 -28.61 50.86
C LEU A 152 -6.77 -29.24 50.44
N ILE A 153 -6.57 -30.52 50.74
CA ILE A 153 -5.35 -31.20 50.35
C ILE A 153 -5.52 -31.93 49.03
N ARG A 154 -6.68 -32.53 48.79
CA ARG A 154 -6.90 -33.26 47.55
C ARG A 154 -6.99 -32.31 46.36
N SER A 155 -7.63 -31.16 46.54
CA SER A 155 -7.71 -30.18 45.45
C SER A 155 -6.32 -29.69 45.07
N LEU A 156 -5.48 -29.40 46.08
CA LEU A 156 -4.10 -29.01 45.79
C LEU A 156 -3.34 -30.14 45.11
N PHE A 157 -3.63 -31.39 45.46
CA PHE A 157 -2.92 -32.51 44.85
C PHE A 157 -3.28 -32.67 43.38
N HIS A 158 -4.58 -32.60 43.05
CA HIS A 158 -4.95 -32.71 41.65
C HIS A 158 -4.58 -31.46 40.86
N GLY A 159 -4.54 -30.29 41.51
CA GLY A 159 -3.99 -29.13 40.85
C GLY A 159 -2.51 -29.28 40.56
N PHE A 160 -1.78 -29.94 41.46
CA PHE A 160 -0.37 -30.24 41.19
C PHE A 160 -0.24 -31.24 40.05
N LEU A 161 -1.16 -32.20 39.96
CA LEU A 161 -1.16 -33.13 38.83
C LEU A 161 -1.37 -32.37 37.52
N PHE A 162 -2.33 -31.44 37.50
CA PHE A 162 -2.57 -30.69 36.26
C PHE A 162 -1.41 -29.76 35.93
N MET A 163 -0.77 -29.18 36.96
CA MET A 163 0.35 -28.29 36.72
C MET A 163 1.59 -29.05 36.27
N ILE A 164 1.75 -30.30 36.70
CA ILE A 164 2.83 -31.13 36.20
C ILE A 164 2.48 -31.77 34.86
N PHE A 165 1.22 -31.73 34.47
CA PHE A 165 0.85 -32.13 33.11
C PHE A 165 1.10 -31.00 32.11
N GLN A 166 0.50 -29.84 32.34
CA GLN A 166 0.61 -28.75 31.37
C GLN A 166 2.02 -28.14 31.32
N ILE A 167 2.82 -28.35 32.36
CA ILE A 167 4.23 -27.96 32.30
C ILE A 167 5.14 -29.16 32.04
N GLY A 168 4.67 -30.37 32.30
CA GLY A 168 5.47 -31.55 32.01
C GLY A 168 5.21 -32.13 30.64
N VAL A 169 3.94 -32.42 30.32
CA VAL A 169 3.61 -32.99 29.02
C VAL A 169 3.60 -31.92 27.94
N LEU A 170 2.75 -30.91 28.09
CA LEU A 170 2.70 -29.80 27.14
C LEU A 170 3.83 -28.80 27.34
N GLY A 171 4.76 -29.08 28.25
CA GLY A 171 5.89 -28.20 28.46
C GLY A 171 7.20 -28.82 28.04
N PHE A 172 7.22 -30.14 27.88
CA PHE A 172 8.40 -30.86 27.41
C PHE A 172 8.17 -31.58 26.10
N GLY A 173 7.05 -32.29 25.96
CA GLY A 173 6.74 -33.07 24.78
C GLY A 173 6.90 -32.31 23.47
N PRO A 174 6.14 -31.22 23.30
CA PRO A 174 6.36 -30.38 22.10
C PRO A 174 7.73 -29.76 22.05
N THR A 175 8.41 -29.60 23.19
CA THR A 175 9.78 -29.09 23.17
C THR A 175 10.78 -30.20 22.93
N TYR A 176 10.58 -31.37 23.54
CA TYR A 176 11.53 -32.47 23.40
C TYR A 176 11.49 -33.07 22.01
N VAL A 177 10.29 -33.21 21.43
CA VAL A 177 10.19 -33.69 20.05
C VAL A 177 10.95 -32.77 19.12
N VAL A 178 10.77 -31.46 19.29
CA VAL A 178 11.45 -30.48 18.44
C VAL A 178 12.96 -30.59 18.62
N LEU A 179 13.43 -30.59 19.87
CA LEU A 179 14.86 -30.54 20.12
C LEU A 179 15.56 -31.89 19.96
N ALA A 180 14.81 -32.98 19.78
CA ALA A 180 15.39 -34.30 19.57
C ALA A 180 15.28 -34.76 18.12
N TYR A 181 14.07 -34.77 17.56
CA TYR A 181 13.91 -35.17 16.17
C TYR A 181 14.25 -34.05 15.19
N THR A 182 14.49 -32.84 15.69
CA THR A 182 15.07 -31.73 14.92
C THR A 182 14.21 -31.40 13.70
N LEU A 183 13.01 -30.90 13.99
CA LEU A 183 12.11 -30.48 12.92
C LEU A 183 12.64 -29.22 12.25
N PRO A 184 12.43 -29.09 10.93
CA PRO A 184 12.72 -27.83 10.24
C PRO A 184 11.99 -26.67 10.87
N PRO A 185 12.43 -25.42 10.62
CA PRO A 185 11.90 -24.29 11.42
C PRO A 185 10.40 -24.08 11.31
N ALA A 186 9.83 -24.18 10.11
CA ALA A 186 8.39 -24.02 10.00
C ALA A 186 7.65 -25.18 10.64
N SER A 187 8.17 -26.41 10.49
CA SER A 187 7.50 -27.58 11.04
C SER A 187 7.64 -27.65 12.56
N ARG A 188 8.69 -27.05 13.11
CA ARG A 188 8.75 -26.93 14.57
C ARG A 188 7.91 -25.76 15.06
N PHE A 189 7.81 -24.71 14.24
CA PHE A 189 7.00 -23.55 14.63
C PHE A 189 5.52 -23.92 14.70
N ILE A 190 5.04 -24.73 13.75
CA ILE A 190 3.62 -25.06 13.74
C ILE A 190 3.23 -25.80 15.02
N ILE A 191 4.07 -26.73 15.47
CA ILE A 191 3.68 -27.49 16.66
C ILE A 191 4.08 -26.82 17.96
N ILE A 192 5.03 -25.88 17.95
CA ILE A 192 5.19 -25.11 19.18
C ILE A 192 4.08 -24.08 19.31
N PHE A 193 3.55 -23.59 18.18
CA PHE A 193 2.34 -22.79 18.23
C PHE A 193 1.16 -23.63 18.70
N GLU A 194 1.10 -24.90 18.27
CA GLU A 194 0.07 -25.78 18.81
C GLU A 194 0.28 -26.08 20.29
N GLN A 195 1.53 -26.12 20.74
CA GLN A 195 1.82 -26.27 22.17
C GLN A 195 1.30 -25.07 22.96
N ILE A 196 1.60 -23.87 22.49
CA ILE A 196 1.11 -22.66 23.14
C ILE A 196 -0.41 -22.64 23.14
N ARG A 197 -1.02 -22.91 21.99
CA ARG A 197 -2.47 -22.91 21.90
C ARG A 197 -3.09 -23.94 22.83
N PHE A 198 -2.49 -25.14 22.92
CA PHE A 198 -3.04 -26.20 23.76
C PHE A 198 -2.88 -25.88 25.23
N VAL A 199 -1.72 -25.35 25.64
CA VAL A 199 -1.53 -25.05 27.05
C VAL A 199 -2.45 -23.90 27.47
N MET A 200 -2.59 -22.88 26.62
CA MET A 200 -3.52 -21.80 26.91
C MET A 200 -4.95 -22.31 26.98
N LYS A 201 -5.33 -23.19 26.05
CA LYS A 201 -6.70 -23.66 26.01
C LYS A 201 -7.01 -24.58 27.18
N ALA A 202 -6.04 -25.41 27.57
CA ALA A 202 -6.24 -26.28 28.72
C ALA A 202 -6.32 -25.49 30.01
N HIS A 203 -5.46 -24.48 30.16
CA HIS A 203 -5.56 -23.61 31.34
C HIS A 203 -6.90 -22.90 31.36
N SER A 204 -7.40 -22.47 30.20
CA SER A 204 -8.71 -21.84 30.14
C SER A 204 -9.81 -22.81 30.56
N PHE A 205 -9.74 -24.05 30.05
CA PHE A 205 -10.70 -25.08 30.41
C PHE A 205 -10.75 -25.31 31.91
N VAL A 206 -9.57 -25.51 32.51
CA VAL A 206 -9.50 -25.81 33.94
C VAL A 206 -9.89 -24.59 34.77
N ARG A 207 -9.52 -23.40 34.34
CA ARG A 207 -9.84 -22.20 35.10
C ARG A 207 -11.28 -21.76 34.96
N GLU A 208 -11.98 -22.21 33.92
CA GLU A 208 -13.42 -22.02 33.85
C GLU A 208 -14.20 -23.14 34.52
N ASN A 209 -13.58 -24.31 34.71
CA ASN A 209 -14.30 -25.41 35.36
C ASN A 209 -14.08 -25.49 36.86
N VAL A 210 -12.94 -25.06 37.38
CA VAL A 210 -12.63 -25.21 38.80
C VAL A 210 -13.47 -24.24 39.63
N PRO A 211 -13.56 -22.95 39.30
CA PRO A 211 -14.51 -22.09 40.03
C PRO A 211 -15.95 -22.55 39.90
N ARG A 212 -16.33 -23.12 38.76
CA ARG A 212 -17.70 -23.61 38.60
C ARG A 212 -17.97 -24.73 39.59
N VAL A 213 -17.08 -25.72 39.66
CA VAL A 213 -17.26 -26.83 40.60
C VAL A 213 -17.18 -26.34 42.03
N LEU A 214 -16.27 -25.41 42.32
CA LEU A 214 -16.14 -24.91 43.69
C LEU A 214 -17.40 -24.16 44.13
N ASN A 215 -17.99 -23.36 43.24
CA ASN A 215 -19.20 -22.64 43.58
C ASN A 215 -20.39 -23.58 43.70
N SER A 216 -20.47 -24.60 42.83
CA SER A 216 -21.57 -25.55 42.91
C SER A 216 -21.43 -26.49 44.11
N ALA A 217 -20.22 -26.66 44.64
CA ALA A 217 -20.01 -27.46 45.84
C ALA A 217 -20.15 -26.65 47.12
N LYS A 218 -19.83 -25.35 47.09
CA LYS A 218 -20.20 -24.48 48.19
C LYS A 218 -21.70 -24.32 48.26
N GLU A 219 -22.38 -24.34 47.11
CA GLU A 219 -23.83 -24.47 47.09
C GLU A 219 -24.28 -25.91 47.32
N LYS A 220 -23.36 -26.87 47.14
CA LYS A 220 -23.58 -28.28 47.49
C LYS A 220 -24.76 -28.87 46.72
N PRO A 225 -21.51 -29.60 37.74
CA PRO A 225 -21.45 -29.12 36.35
C PRO A 225 -20.18 -29.55 35.63
N ILE A 226 -20.03 -30.84 35.39
CA ILE A 226 -18.89 -31.36 34.61
C ILE A 226 -19.20 -31.15 33.13
N PRO A 227 -18.21 -30.91 32.29
CA PRO A 227 -18.47 -30.77 30.86
C PRO A 227 -18.73 -32.13 30.21
N THR A 228 -19.19 -32.07 28.96
CA THR A 228 -19.40 -33.28 28.18
C THR A 228 -18.19 -33.53 27.27
N VAL A 229 -18.04 -34.78 26.86
CA VAL A 229 -16.94 -35.15 25.98
C VAL A 229 -17.07 -34.44 24.64
N ASN A 230 -18.29 -34.35 24.12
CA ASN A 230 -18.50 -33.81 22.77
C ASN A 230 -18.15 -32.32 22.70
N GLN A 231 -18.57 -31.53 23.69
CA GLN A 231 -18.36 -30.09 23.58
C GLN A 231 -16.89 -29.73 23.77
N TYR A 232 -16.16 -30.46 24.62
CA TYR A 232 -14.72 -30.24 24.72
C TYR A 232 -14.00 -30.71 23.47
N LEU A 233 -14.43 -31.86 22.92
CA LEU A 233 -13.85 -32.36 21.67
C LEU A 233 -14.02 -31.34 20.55
N TYR A 234 -15.17 -30.67 20.50
CA TYR A 234 -15.39 -29.65 19.49
C TYR A 234 -14.63 -28.35 19.82
N PHE A 235 -14.58 -28.00 21.10
CA PHE A 235 -14.01 -26.71 21.49
C PHE A 235 -12.51 -26.66 21.24
N LEU A 236 -11.80 -27.76 21.47
CA LEU A 236 -10.37 -27.67 21.20
C LEU A 236 -10.05 -27.62 19.71
N PHE A 237 -11.07 -27.62 18.85
CA PHE A 237 -10.93 -27.30 17.43
C PHE A 237 -11.39 -25.89 17.09
N ALA A 238 -12.14 -25.24 17.98
CA ALA A 238 -12.69 -23.92 17.73
C ALA A 238 -11.58 -22.87 17.67
N PRO A 239 -11.82 -21.74 16.99
CA PRO A 239 -10.76 -20.72 16.91
C PRO A 239 -10.49 -20.02 18.23
N THR A 240 -11.52 -19.81 19.05
CA THR A 240 -11.37 -19.01 20.27
C THR A 240 -10.50 -19.74 21.29
N LEU A 241 -10.12 -19.00 22.33
CA LEU A 241 -9.17 -19.48 23.33
C LEU A 241 -9.75 -19.39 24.74
N ILE A 242 -11.07 -19.25 24.87
CA ILE A 242 -11.75 -19.18 26.16
C ILE A 242 -12.81 -20.27 26.18
N TYR A 243 -12.84 -21.04 27.28
CA TYR A 243 -13.80 -22.14 27.33
C TYR A 243 -15.24 -21.66 27.48
N ARG A 244 -15.49 -20.36 27.41
CA ARG A 244 -16.89 -19.95 27.43
C ARG A 244 -17.54 -20.71 26.24
N ASP A 245 -16.80 -20.83 25.13
CA ASP A 245 -17.10 -21.60 23.92
C ASP A 245 -18.10 -21.04 22.92
N SER A 246 -18.30 -21.81 21.86
CA SER A 246 -19.22 -21.41 20.81
C SER A 246 -20.65 -21.85 21.08
N TYR A 247 -21.23 -21.36 22.18
CA TYR A 247 -22.62 -21.65 22.45
C TYR A 247 -23.51 -20.88 21.46
N PRO A 248 -23.19 -19.64 21.12
CA PRO A 248 -23.73 -19.08 19.87
C PRO A 248 -23.03 -19.69 18.67
N ARG A 249 -23.82 -20.20 17.72
CA ARG A 249 -23.28 -20.88 16.55
C ARG A 249 -23.90 -20.30 15.29
N ASN A 250 -23.45 -20.80 14.14
CA ASN A 250 -23.86 -20.38 12.81
C ASN A 250 -24.89 -21.35 12.24
N PRO A 251 -25.72 -20.89 11.28
CA PRO A 251 -26.77 -21.77 10.73
C PRO A 251 -26.24 -22.95 9.93
N THR A 252 -25.35 -22.69 8.97
CA THR A 252 -24.97 -23.74 8.03
C THR A 252 -23.52 -23.55 7.60
N VAL A 253 -22.85 -24.68 7.35
CA VAL A 253 -21.54 -24.69 6.70
C VAL A 253 -21.74 -24.42 5.22
N ARG A 254 -21.32 -23.25 4.75
CA ARG A 254 -21.37 -22.92 3.34
C ARG A 254 -20.11 -23.44 2.67
N TRP A 255 -20.23 -24.53 1.90
CA TRP A 255 -19.06 -25.21 1.38
C TRP A 255 -18.29 -24.33 0.41
N GLY A 256 -18.98 -23.52 -0.39
CA GLY A 256 -18.28 -22.60 -1.27
C GLY A 256 -17.55 -21.51 -0.50
N TYR A 257 -18.14 -21.06 0.61
CA TYR A 257 -17.52 -20.01 1.41
C TYR A 257 -16.25 -20.50 2.09
N VAL A 258 -16.32 -21.64 2.77
CA VAL A 258 -15.11 -22.21 3.36
C VAL A 258 -14.13 -22.63 2.27
N ALA A 259 -14.64 -22.97 1.09
CA ALA A 259 -13.75 -23.31 -0.02
C ALA A 259 -12.92 -22.11 -0.43
N MET A 260 -13.57 -20.95 -0.61
CA MET A 260 -12.81 -19.76 -1.00
C MET A 260 -11.94 -19.25 0.15
N LYS A 261 -12.35 -19.50 1.40
CA LYS A 261 -11.49 -19.10 2.53
C LYS A 261 -10.23 -19.95 2.59
N PHE A 262 -10.36 -21.26 2.43
CA PHE A 262 -9.17 -22.10 2.35
C PHE A 262 -8.35 -21.80 1.11
N ALA A 263 -9.01 -21.40 0.01
CA ALA A 263 -8.27 -20.98 -1.17
C ALA A 263 -7.47 -19.72 -0.88
N GLN A 264 -8.05 -18.78 -0.13
CA GLN A 264 -7.31 -17.58 0.26
C GLN A 264 -6.17 -17.92 1.21
N VAL A 265 -6.37 -18.90 2.08
CA VAL A 265 -5.27 -19.39 2.93
C VAL A 265 -4.15 -19.94 2.06
N PHE A 266 -4.51 -20.76 1.07
CA PHE A 266 -3.54 -21.29 0.11
C PHE A 266 -2.78 -20.17 -0.57
N GLY A 267 -3.51 -19.18 -1.07
CA GLY A 267 -2.89 -18.08 -1.79
C GLY A 267 -2.03 -17.21 -0.90
N CYS A 268 -2.47 -16.94 0.33
CA CYS A 268 -1.69 -16.11 1.24
C CYS A 268 -0.44 -16.84 1.70
N PHE A 269 -0.53 -18.15 1.91
CA PHE A 269 0.67 -18.90 2.27
C PHE A 269 1.67 -18.91 1.12
N PHE A 270 1.20 -19.13 -0.11
CA PHE A 270 2.14 -19.08 -1.24
C PHE A 270 2.62 -17.66 -1.50
N TYR A 271 1.83 -16.65 -1.14
CA TYR A 271 2.26 -15.27 -1.28
C TYR A 271 3.34 -14.93 -0.26
N VAL A 272 3.21 -15.46 0.96
CA VAL A 272 4.30 -15.36 1.93
C VAL A 272 5.53 -16.08 1.40
N TYR A 273 5.33 -17.24 0.76
CA TYR A 273 6.44 -17.97 0.17
C TYR A 273 7.17 -17.09 -0.86
N TYR A 274 6.42 -16.47 -1.76
CA TYR A 274 7.07 -15.63 -2.77
C TYR A 274 7.65 -14.36 -2.17
N ILE A 275 7.05 -13.84 -1.09
CA ILE A 275 7.63 -12.69 -0.41
C ILE A 275 9.01 -13.06 0.12
N PHE A 276 9.13 -14.23 0.73
CA PHE A 276 10.45 -14.70 1.15
C PHE A 276 11.34 -15.05 -0.05
N GLU A 277 10.74 -15.33 -1.21
CA GLU A 277 11.55 -15.72 -2.36
C GLU A 277 12.15 -14.53 -3.09
N ARG A 278 11.42 -13.43 -3.20
CA ARG A 278 11.85 -12.28 -3.99
C ARG A 278 12.28 -11.08 -3.17
N LEU A 279 11.83 -10.96 -1.92
CA LEU A 279 12.13 -9.79 -1.10
C LEU A 279 12.99 -10.08 0.11
N CYS A 280 12.91 -11.30 0.66
CA CYS A 280 13.74 -11.68 1.79
C CYS A 280 14.87 -12.62 1.40
N ALA A 281 14.90 -13.11 0.17
CA ALA A 281 16.04 -13.85 -0.33
C ALA A 281 17.17 -12.91 -0.80
N PRO A 282 16.90 -11.87 -1.59
CA PRO A 282 18.01 -10.98 -1.97
C PRO A 282 18.56 -10.18 -0.81
N LEU A 283 17.70 -9.73 0.11
CA LEU A 283 18.15 -8.90 1.21
C LEU A 283 18.92 -9.68 2.27
N PHE A 284 18.67 -10.98 2.41
CA PHE A 284 19.13 -11.70 3.59
C PHE A 284 19.86 -13.01 3.35
N ARG A 285 19.99 -13.46 2.10
CA ARG A 285 20.72 -14.70 1.84
C ARG A 285 22.18 -14.39 1.55
N ASN A 286 23.01 -14.50 2.58
CA ASN A 286 24.47 -14.48 2.44
C ASN A 286 24.98 -13.18 1.85
N ILE A 287 24.45 -12.06 2.33
CA ILE A 287 25.03 -10.74 2.03
C ILE A 287 26.09 -10.50 3.09
N LYS A 288 27.27 -11.07 2.87
CA LYS A 288 28.28 -11.16 3.91
C LYS A 288 29.66 -10.77 3.38
N GLN A 289 29.72 -9.70 2.59
CA GLN A 289 30.99 -9.03 2.30
C GLN A 289 31.26 -8.00 3.40
N GLU A 290 31.38 -8.53 4.63
CA GLU A 290 31.19 -7.83 5.90
C GLU A 290 31.88 -6.48 5.97
N PRO A 291 31.12 -5.38 5.91
CA PRO A 291 31.68 -4.07 6.28
C PRO A 291 31.44 -3.77 7.75
N PHE A 292 30.50 -4.49 8.37
CA PHE A 292 30.03 -4.21 9.73
C PHE A 292 29.61 -2.75 9.88
N SER A 293 29.07 -2.17 8.80
CA SER A 293 28.80 -0.76 8.73
C SER A 293 27.43 -0.43 9.32
N ALA A 294 27.36 0.66 10.08
CA ALA A 294 26.06 1.13 10.55
C ALA A 294 25.22 1.66 9.39
N ARG A 295 25.86 2.13 8.33
CA ARG A 295 25.11 2.51 7.13
C ARG A 295 24.44 1.30 6.51
N VAL A 296 25.15 0.18 6.39
CA VAL A 296 24.55 -1.02 5.84
C VAL A 296 23.42 -1.52 6.74
N LEU A 297 23.59 -1.40 8.06
CA LEU A 297 22.55 -1.84 8.97
C LEU A 297 21.31 -0.95 8.89
N VAL A 298 21.50 0.36 8.78
CA VAL A 298 20.34 1.24 8.68
C VAL A 298 19.67 1.08 7.32
N LEU A 299 20.44 0.79 6.27
CA LEU A 299 19.81 0.55 4.98
C LEU A 299 19.11 -0.81 4.94
N CYS A 300 19.59 -1.79 5.71
CA CYS A 300 18.87 -3.05 5.84
C CYS A 300 17.56 -2.85 6.59
N VAL A 301 17.61 -2.14 7.72
CA VAL A 301 16.39 -1.89 8.47
C VAL A 301 15.45 -0.97 7.71
N PHE A 302 15.94 -0.22 6.72
CA PHE A 302 15.04 0.54 5.86
C PHE A 302 14.44 -0.33 4.77
N ASN A 303 15.28 -1.03 4.00
CA ASN A 303 14.82 -1.80 2.86
C ASN A 303 13.99 -3.02 3.27
N SER A 304 14.16 -3.51 4.50
CA SER A 304 13.37 -4.63 5.00
C SER A 304 12.11 -4.17 5.71
N ILE A 305 11.62 -2.97 5.40
CA ILE A 305 10.30 -2.56 5.89
C ILE A 305 9.22 -3.06 4.96
N LEU A 306 9.45 -2.96 3.65
CA LEU A 306 8.46 -3.47 2.70
C LEU A 306 8.22 -4.96 2.87
N PRO A 307 9.25 -5.83 2.90
CA PRO A 307 8.96 -7.24 3.19
C PRO A 307 8.37 -7.43 4.56
N GLY A 308 8.89 -6.71 5.55
CA GLY A 308 8.35 -6.82 6.89
C GLY A 308 6.89 -6.40 6.98
N VAL A 309 6.56 -5.25 6.40
CA VAL A 309 5.19 -4.76 6.55
C VAL A 309 4.23 -5.54 5.65
N LEU A 310 4.70 -6.07 4.51
CA LEU A 310 3.85 -6.94 3.72
C LEU A 310 3.60 -8.26 4.44
N ILE A 311 4.62 -8.82 5.08
CA ILE A 311 4.43 -10.00 5.91
C ILE A 311 3.44 -9.71 7.03
N LEU A 312 3.57 -8.55 7.67
CA LEU A 312 2.65 -8.20 8.75
C LEU A 312 1.21 -8.13 8.26
N PHE A 313 0.95 -7.26 7.28
CA PHE A 313 -0.40 -7.14 6.71
C PHE A 313 -0.93 -8.51 6.30
N LEU A 314 -0.20 -9.20 5.42
CA LEU A 314 -0.73 -10.39 4.79
C LEU A 314 -0.81 -11.57 5.74
N THR A 315 0.09 -11.69 6.72
CA THR A 315 -0.04 -12.81 7.65
C THR A 315 -1.07 -12.55 8.72
N PHE A 316 -1.27 -11.29 9.14
CA PHE A 316 -2.43 -10.95 9.94
C PHE A 316 -3.70 -11.38 9.20
N PHE A 317 -3.88 -10.84 7.99
CA PHE A 317 -5.01 -11.20 7.15
C PHE A 317 -5.16 -12.71 7.08
N ALA A 318 -4.14 -13.39 6.55
CA ALA A 318 -4.18 -14.81 6.30
C ALA A 318 -4.56 -15.57 7.54
N PHE A 319 -3.69 -15.57 8.56
CA PHE A 319 -3.94 -16.38 9.74
C PHE A 319 -5.28 -16.00 10.34
N LEU A 320 -5.42 -14.78 10.88
CA LEU A 320 -6.64 -14.49 11.60
C LEU A 320 -7.84 -14.61 10.68
N HIS A 321 -7.96 -13.66 9.75
CA HIS A 321 -9.17 -13.56 8.95
C HIS A 321 -9.45 -14.88 8.26
N CYS A 322 -8.63 -15.31 7.31
CA CYS A 322 -9.13 -16.41 6.51
C CYS A 322 -8.86 -17.75 7.18
N TRP A 323 -7.73 -17.95 7.87
CA TRP A 323 -7.53 -19.25 8.50
C TRP A 323 -8.63 -19.52 9.52
N LEU A 324 -8.77 -18.66 10.53
CA LEU A 324 -9.75 -19.07 11.52
C LEU A 324 -11.17 -18.64 11.15
N ASN A 325 -11.39 -17.98 10.01
CA ASN A 325 -12.76 -17.91 9.51
C ASN A 325 -13.15 -19.16 8.72
N ALA A 326 -12.18 -19.79 8.04
CA ALA A 326 -12.43 -21.11 7.48
C ALA A 326 -12.71 -22.11 8.59
N PHE A 327 -11.87 -22.10 9.63
CA PHE A 327 -12.14 -22.98 10.77
C PHE A 327 -13.22 -22.45 11.70
N ALA A 328 -13.82 -21.29 11.38
CA ALA A 328 -15.05 -20.84 12.03
C ALA A 328 -16.28 -21.38 11.30
N GLU A 329 -16.41 -21.10 10.00
CA GLU A 329 -17.57 -21.52 9.24
C GLU A 329 -17.54 -23.00 8.88
N MET A 330 -16.37 -23.64 8.94
CA MET A 330 -16.37 -25.10 8.86
C MET A 330 -16.91 -25.70 10.14
N LEU A 331 -16.68 -25.05 11.28
CA LEU A 331 -17.15 -25.52 12.57
C LEU A 331 -18.40 -24.78 13.03
N ARG A 332 -18.98 -23.94 12.18
CA ARG A 332 -20.22 -23.22 12.48
C ARG A 332 -20.10 -22.29 13.68
N PHE A 333 -18.88 -21.86 14.03
CA PHE A 333 -18.70 -20.84 15.05
C PHE A 333 -17.87 -19.71 14.45
N GLY A 334 -18.57 -18.81 13.75
CA GLY A 334 -17.99 -17.56 13.29
C GLY A 334 -18.68 -16.44 14.03
N ASP A 335 -19.08 -16.74 15.26
CA ASP A 335 -19.92 -15.87 16.07
C ASP A 335 -19.11 -14.95 16.98
N ARG A 336 -17.95 -14.50 16.53
CA ARG A 336 -17.16 -13.55 17.28
C ARG A 336 -16.20 -12.84 16.34
N MET A 337 -15.81 -11.63 16.73
CA MET A 337 -14.76 -10.89 16.05
C MET A 337 -13.40 -11.30 16.62
N PHE A 338 -12.38 -11.20 15.77
CA PHE A 338 -11.04 -11.60 16.16
C PHE A 338 -10.04 -10.46 16.11
N TYR A 339 -10.49 -9.26 15.76
CA TYR A 339 -9.66 -8.06 15.72
C TYR A 339 -10.56 -6.88 15.40
N LYS A 340 -10.30 -5.76 16.03
CA LYS A 340 -10.87 -4.52 15.54
C LYS A 340 -9.81 -3.84 14.67
N ASP A 341 -10.08 -2.61 14.25
CA ASP A 341 -9.11 -1.89 13.41
C ASP A 341 -7.91 -1.48 14.27
N TRP A 342 -6.81 -2.22 14.15
CA TRP A 342 -5.58 -1.84 14.82
C TRP A 342 -4.83 -0.76 14.06
N TRP A 343 -5.04 -0.65 12.75
CA TRP A 343 -4.45 0.42 11.95
C TRP A 343 -4.98 1.79 12.33
N ASN A 344 -6.06 1.86 13.11
CA ASN A 344 -6.64 3.11 13.60
C ASN A 344 -6.58 3.06 15.13
N SER A 345 -5.48 3.52 15.69
CA SER A 345 -5.29 3.56 17.14
C SER A 345 -4.75 4.92 17.54
N THR A 346 -5.57 5.72 18.21
CA THR A 346 -5.11 7.03 18.67
C THR A 346 -3.96 6.89 19.66
N SER A 347 -3.97 5.84 20.47
CA SER A 347 -2.93 5.62 21.48
C SER A 347 -2.37 4.21 21.32
N TYR A 348 -1.15 4.03 21.84
CA TYR A 348 -0.50 2.71 21.78
C TYR A 348 -1.14 1.74 22.78
N SER A 349 -1.50 2.23 23.97
CA SER A 349 -2.31 1.43 24.88
C SER A 349 -3.65 1.08 24.26
N ASN A 350 -4.19 1.99 23.43
CA ASN A 350 -5.38 1.66 22.66
C ASN A 350 -5.08 0.64 21.56
N TYR A 351 -3.83 0.59 21.10
CA TYR A 351 -3.45 -0.39 20.08
C TYR A 351 -3.29 -1.79 20.68
N TYR A 352 -2.95 -1.86 21.98
CA TYR A 352 -2.76 -3.16 22.62
C TYR A 352 -4.07 -3.96 22.68
N ARG A 353 -5.18 -3.28 22.95
CA ARG A 353 -6.45 -3.97 23.16
C ARG A 353 -7.05 -4.51 21.86
N THR A 354 -6.55 -4.08 20.70
CA THR A 354 -7.23 -4.39 19.45
C THR A 354 -6.25 -4.88 18.39
N TRP A 355 -5.41 -5.84 18.74
CA TRP A 355 -4.67 -6.62 17.76
C TRP A 355 -4.54 -8.04 18.28
N ASN A 356 -4.97 -9.01 17.48
CA ASN A 356 -5.02 -10.41 17.88
C ASN A 356 -5.79 -10.54 19.20
N VAL A 357 -7.07 -10.18 19.14
CA VAL A 357 -7.88 -10.06 20.34
C VAL A 357 -8.17 -11.39 21.01
N VAL A 358 -7.83 -12.51 20.36
CA VAL A 358 -7.96 -13.81 21.03
C VAL A 358 -6.88 -13.97 22.10
N VAL A 359 -5.61 -13.81 21.70
CA VAL A 359 -4.52 -13.85 22.67
C VAL A 359 -4.67 -12.73 23.69
N HIS A 360 -5.16 -11.57 23.26
CA HIS A 360 -5.39 -10.50 24.22
C HIS A 360 -6.48 -10.86 25.22
N ASP A 361 -7.56 -11.49 24.76
CA ASP A 361 -8.61 -11.92 25.67
C ASP A 361 -8.05 -12.88 26.71
N TRP A 362 -7.33 -13.90 26.26
CA TRP A 362 -6.72 -14.84 27.19
C TRP A 362 -5.82 -14.12 28.20
N LEU A 363 -4.82 -13.39 27.69
CA LEU A 363 -3.86 -12.69 28.54
C LEU A 363 -4.55 -11.74 29.50
N TYR A 364 -5.20 -10.69 28.99
CA TYR A 364 -5.90 -9.74 29.82
C TYR A 364 -6.78 -10.45 30.84
N TYR A 365 -7.80 -11.19 30.39
CA TYR A 365 -8.74 -11.76 31.34
C TYR A 365 -8.04 -12.61 32.38
N TYR A 366 -7.48 -13.75 31.97
CA TYR A 366 -6.98 -14.69 32.95
C TYR A 366 -5.76 -14.14 33.69
N ALA A 367 -4.69 -13.83 32.95
CA ALA A 367 -3.46 -13.39 33.59
C ALA A 367 -3.69 -12.11 34.38
N TYR A 368 -4.21 -11.06 33.74
CA TYR A 368 -4.38 -9.78 34.41
C TYR A 368 -5.28 -9.90 35.64
N LYS A 369 -6.49 -10.44 35.47
CA LYS A 369 -7.44 -10.49 36.58
C LYS A 369 -6.90 -11.31 37.74
N ASP A 370 -6.36 -12.50 37.46
CA ASP A 370 -5.88 -13.35 38.55
C ASP A 370 -4.61 -12.79 39.16
N PHE A 371 -3.73 -12.21 38.35
CA PHE A 371 -2.43 -11.71 38.80
C PHE A 371 -2.55 -10.40 39.56
N LEU A 372 -3.69 -9.70 39.43
CA LEU A 372 -3.93 -8.53 40.27
C LEU A 372 -4.82 -8.86 41.46
N TRP A 373 -5.76 -9.79 41.32
CA TRP A 373 -6.62 -10.16 42.44
C TRP A 373 -5.86 -10.93 43.51
N PHE A 374 -4.84 -11.70 43.11
CA PHE A 374 -4.02 -12.43 44.07
C PHE A 374 -2.86 -11.59 44.61
N PHE A 375 -2.37 -10.64 43.82
CA PHE A 375 -1.31 -9.76 44.31
C PHE A 375 -1.84 -8.61 45.13
N SER A 376 -3.05 -8.12 44.82
CA SER A 376 -3.69 -7.01 45.53
C SER A 376 -2.80 -5.77 45.51
N LYS A 377 -2.28 -5.44 44.33
CA LYS A 377 -1.39 -4.30 44.20
C LYS A 377 -2.17 -2.99 44.30
N ARG A 378 -1.49 -1.95 44.78
CA ARG A 378 -2.13 -0.65 44.92
C ARG A 378 -2.34 0.02 43.56
N PHE A 379 -1.45 -0.21 42.61
CA PHE A 379 -1.53 0.38 41.27
C PHE A 379 -1.72 -0.72 40.24
N LYS A 380 -2.70 -0.54 39.36
CA LYS A 380 -2.97 -1.51 38.30
C LYS A 380 -2.05 -1.34 37.10
N SER A 381 -1.37 -0.20 36.99
CA SER A 381 -0.40 -0.01 35.91
C SER A 381 0.77 -0.97 36.05
N ALA A 382 1.18 -1.26 37.28
CA ALA A 382 2.21 -2.27 37.49
C ALA A 382 1.75 -3.63 37.02
N ALA A 383 0.47 -3.96 37.24
CA ALA A 383 -0.06 -5.24 36.78
C ALA A 383 -0.15 -5.29 35.26
N MET A 384 -0.50 -4.18 34.62
CA MET A 384 -0.51 -4.12 33.16
C MET A 384 0.89 -4.31 32.60
N LEU A 385 1.89 -3.65 33.20
CA LEU A 385 3.26 -3.87 32.76
C LEU A 385 3.72 -5.29 33.02
N ALA A 386 3.23 -5.92 34.10
CA ALA A 386 3.61 -7.30 34.37
C ALA A 386 3.03 -8.26 33.35
N VAL A 387 1.76 -8.08 32.98
CA VAL A 387 1.17 -8.98 31.99
C VAL A 387 1.76 -8.70 30.61
N PHE A 388 2.14 -7.45 30.34
CA PHE A 388 2.86 -7.19 29.09
C PHE A 388 4.24 -7.83 29.10
N ALA A 389 4.90 -7.87 30.26
CA ALA A 389 6.19 -8.55 30.34
C ALA A 389 6.03 -10.06 30.14
N VAL A 390 4.97 -10.65 30.70
CA VAL A 390 4.79 -12.09 30.51
C VAL A 390 4.40 -12.38 29.07
N SER A 391 3.65 -11.49 28.41
CA SER A 391 3.36 -11.67 26.99
C SER A 391 4.63 -11.54 26.15
N ALA A 392 5.49 -10.59 26.51
CA ALA A 392 6.76 -10.44 25.80
C ALA A 392 7.63 -11.67 25.97
N VAL A 393 7.67 -12.25 27.18
CA VAL A 393 8.51 -13.42 27.38
C VAL A 393 7.89 -14.64 26.70
N VAL A 394 6.55 -14.70 26.59
CA VAL A 394 5.91 -15.79 25.86
C VAL A 394 6.24 -15.72 24.38
N HIS A 395 6.11 -14.53 23.79
CA HIS A 395 6.47 -14.37 22.38
C HIS A 395 7.95 -14.64 22.15
N GLU A 396 8.80 -14.20 23.07
CA GLU A 396 10.23 -14.43 22.93
C GLU A 396 10.55 -15.93 23.03
N TYR A 397 9.87 -16.65 23.91
CA TYR A 397 10.08 -18.08 24.01
C TYR A 397 9.61 -18.80 22.75
N ALA A 398 8.47 -18.38 22.20
CA ALA A 398 7.99 -18.98 20.95
C ALA A 398 9.00 -18.77 19.82
N LEU A 399 9.46 -17.53 19.66
CA LEU A 399 10.45 -17.24 18.62
C LEU A 399 11.77 -17.96 18.89
N ALA A 400 12.13 -18.15 20.15
CA ALA A 400 13.39 -18.80 20.48
C ALA A 400 13.33 -20.30 20.22
N VAL A 401 12.17 -20.93 20.43
CA VAL A 401 12.09 -22.36 20.16
C VAL A 401 11.88 -22.64 18.68
N CYS A 402 11.19 -21.75 17.96
CA CYS A 402 11.00 -22.00 16.54
C CYS A 402 12.22 -21.57 15.72
N LEU A 403 12.99 -20.59 16.21
CA LEU A 403 14.20 -20.15 15.54
C LEU A 403 15.46 -20.79 16.08
N SER A 404 15.43 -21.31 17.31
CA SER A 404 16.63 -21.79 18.01
C SER A 404 17.64 -20.67 18.20
N PHE A 405 17.19 -19.59 18.83
CA PHE A 405 18.03 -18.39 18.91
C PHE A 405 17.77 -17.62 20.19
N PHE A 406 18.84 -16.99 20.68
CA PHE A 406 18.80 -15.94 21.68
C PHE A 406 18.63 -14.60 20.96
N TYR A 407 19.01 -13.51 21.62
CA TYR A 407 18.94 -12.16 21.08
C TYR A 407 17.48 -11.75 20.90
N PRO A 408 16.72 -11.57 21.99
CA PRO A 408 15.32 -11.14 21.88
C PRO A 408 15.20 -9.64 21.63
N VAL A 409 15.43 -9.24 20.38
CA VAL A 409 15.20 -7.85 20.01
C VAL A 409 13.73 -7.51 20.15
N LEU A 410 12.86 -8.51 20.06
CA LEU A 410 11.44 -8.28 20.33
C LEU A 410 11.21 -7.81 21.76
N PHE A 411 11.90 -8.42 22.72
CA PHE A 411 11.69 -8.06 24.13
C PHE A 411 12.14 -6.64 24.42
N VAL A 412 13.40 -6.33 24.12
CA VAL A 412 13.93 -5.00 24.44
C VAL A 412 13.28 -3.93 23.56
N LEU A 413 12.93 -4.27 22.32
CA LEU A 413 12.26 -3.32 21.45
C LEU A 413 10.84 -3.04 21.95
N PHE A 414 10.15 -4.07 22.44
CA PHE A 414 8.84 -3.91 23.04
C PHE A 414 8.91 -3.01 24.26
N MET A 415 9.89 -3.26 25.14
CA MET A 415 10.04 -2.42 26.33
C MET A 415 10.38 -0.99 25.96
N PHE A 416 11.22 -0.79 24.94
CA PHE A 416 11.61 0.55 24.53
C PHE A 416 10.42 1.31 23.95
N PHE A 417 9.67 0.67 23.05
CA PHE A 417 8.51 1.35 22.47
C PHE A 417 7.36 1.48 23.47
N GLY A 418 7.36 0.71 24.55
CA GLY A 418 6.37 0.89 25.58
C GLY A 418 6.70 2.03 26.53
N MET A 419 7.95 2.08 27.00
CA MET A 419 8.38 3.12 27.92
C MET A 419 8.76 4.42 27.22
N ALA A 420 8.77 4.44 25.89
CA ALA A 420 9.00 5.68 25.14
C ALA A 420 7.70 6.39 24.78
N PHE A 421 6.59 5.67 24.72
CA PHE A 421 5.28 6.27 24.50
C PHE A 421 4.58 6.62 25.81
N ASN A 422 5.13 6.19 26.95
CA ASN A 422 4.50 6.43 28.24
C ASN A 422 4.64 7.87 28.71
N PHE A 423 5.72 8.54 28.33
CA PHE A 423 5.95 9.91 28.76
C PHE A 423 5.85 10.89 27.58
N PRO A 432 -3.87 13.21 15.86
CA PRO A 432 -3.52 12.27 14.79
C PRO A 432 -2.03 12.25 14.49
N ILE A 433 -1.28 13.17 15.09
CA ILE A 433 0.17 13.11 14.96
C ILE A 433 0.70 11.87 15.69
N TRP A 434 0.04 11.47 16.77
CA TRP A 434 0.43 10.25 17.46
C TRP A 434 0.11 9.00 16.64
N ASN A 435 -0.89 9.07 15.75
CA ASN A 435 -1.10 7.95 14.82
C ASN A 435 0.08 7.82 13.86
N VAL A 436 0.61 8.96 13.40
CA VAL A 436 1.79 8.94 12.53
C VAL A 436 3.00 8.43 13.31
N LEU A 437 3.10 8.79 14.59
CA LEU A 437 4.17 8.26 15.42
C LEU A 437 4.02 6.76 15.64
N MET A 438 2.77 6.30 15.79
CA MET A 438 2.52 4.86 15.91
C MET A 438 2.91 4.13 14.64
N TRP A 439 2.61 4.72 13.48
CA TRP A 439 2.95 4.05 12.22
C TRP A 439 4.45 4.07 11.97
N THR A 440 5.14 5.15 12.32
CA THR A 440 6.59 5.16 12.13
C THR A 440 7.26 4.21 13.12
N SER A 441 6.75 4.14 14.35
CA SER A 441 7.28 3.19 15.32
C SER A 441 7.01 1.76 14.86
N LEU A 442 5.82 1.50 14.32
CA LEU A 442 5.47 0.16 13.88
C LEU A 442 6.29 -0.25 12.67
N PHE A 443 6.50 0.66 11.72
CA PHE A 443 7.32 0.36 10.56
C PHE A 443 8.77 0.12 10.97
N LEU A 444 9.34 1.01 11.79
CA LEU A 444 10.73 0.83 12.20
C LEU A 444 10.90 -0.41 13.05
N GLY A 445 9.93 -0.72 13.91
CA GLY A 445 10.06 -1.89 14.77
C GLY A 445 9.87 -3.18 14.01
N ASN A 446 8.89 -3.23 13.10
CA ASN A 446 8.72 -4.40 12.26
C ASN A 446 9.94 -4.60 11.37
N GLY A 447 10.49 -3.51 10.83
CA GLY A 447 11.70 -3.62 10.04
C GLY A 447 12.87 -4.15 10.83
N VAL A 448 13.10 -3.60 12.02
CA VAL A 448 14.25 -4.04 12.81
C VAL A 448 14.03 -5.45 13.34
N LEU A 449 12.79 -5.83 13.64
CA LEU A 449 12.50 -7.18 14.10
C LEU A 449 12.79 -8.20 13.02
N LEU A 450 12.20 -8.02 11.84
CA LEU A 450 12.46 -8.94 10.74
C LEU A 450 13.93 -8.92 10.34
N CYS A 451 14.53 -7.74 10.30
CA CYS A 451 15.93 -7.62 9.93
C CYS A 451 16.83 -8.38 10.88
N PHE A 452 16.68 -8.18 12.19
CA PHE A 452 17.59 -8.80 13.15
C PHE A 452 17.33 -10.29 13.29
N TYR A 453 16.06 -10.72 13.27
CA TYR A 453 15.79 -12.15 13.38
C TYR A 453 16.25 -12.90 12.13
N SER A 454 15.96 -12.37 10.94
CA SER A 454 16.47 -12.98 9.72
C SER A 454 17.99 -12.90 9.66
N GLN A 455 18.57 -11.84 10.21
CA GLN A 455 20.02 -11.69 10.23
C GLN A 455 20.65 -12.79 11.07
N GLU A 456 20.11 -13.03 12.26
CA GLU A 456 20.63 -14.12 13.09
C GLU A 456 20.41 -15.47 12.43
N TRP A 457 19.22 -15.70 11.86
CA TRP A 457 18.93 -17.00 11.25
C TRP A 457 19.87 -17.29 10.09
N TYR A 458 20.10 -16.31 9.22
CA TYR A 458 21.02 -16.48 8.11
C TYR A 458 22.48 -16.28 8.51
N ALA A 459 22.74 -15.88 9.76
CA ALA A 459 24.10 -15.77 10.26
C ALA A 459 24.58 -17.09 10.85
N ARG A 460 23.71 -17.82 11.55
CA ARG A 460 24.09 -19.17 11.96
C ARG A 460 24.04 -20.13 10.78
N GLN A 461 23.14 -19.90 9.83
CA GLN A 461 23.19 -20.64 8.58
C GLN A 461 24.40 -20.26 7.72
N HIS A 462 24.99 -19.09 7.99
CA HIS A 462 26.24 -18.72 7.31
C HIS A 462 27.43 -19.45 7.94
N CYS A 463 27.59 -19.34 9.25
CA CYS A 463 28.67 -20.02 9.95
C CYS A 463 28.16 -20.70 11.21
N LYS B 55 -19.29 20.79 -22.16
CA LYS B 55 -19.30 20.11 -20.87
C LYS B 55 -19.83 21.01 -19.76
N ILE B 56 -20.67 20.45 -18.89
CA ILE B 56 -21.22 21.17 -17.75
C ILE B 56 -20.26 21.04 -16.58
N PHE B 57 -19.99 22.14 -15.90
CA PHE B 57 -19.12 22.15 -14.72
C PHE B 57 -20.00 22.26 -13.48
N ILE B 58 -20.21 21.13 -12.79
CA ILE B 58 -20.98 21.08 -11.56
C ILE B 58 -20.00 21.16 -10.39
N ALA B 59 -20.41 21.81 -9.31
CA ALA B 59 -19.51 22.28 -8.26
C ALA B 59 -19.06 21.19 -7.29
N ARG B 60 -19.13 19.91 -7.65
CA ARG B 60 -18.68 18.88 -6.74
C ARG B 60 -17.16 18.94 -6.56
N ARG B 61 -16.70 18.54 -5.37
CA ARG B 61 -15.29 18.64 -5.01
C ARG B 61 -14.50 17.53 -5.67
N SER B 62 -13.22 17.42 -5.29
CA SER B 62 -12.41 16.27 -5.67
C SER B 62 -12.86 15.04 -4.91
N LEU B 63 -12.75 13.88 -5.55
CA LEU B 63 -13.22 12.63 -4.95
C LEU B 63 -12.34 12.24 -3.76
N LEU B 64 -11.04 12.49 -3.85
CA LEU B 64 -10.15 12.13 -2.75
C LEU B 64 -10.34 13.04 -1.54
N ASP B 65 -10.72 14.29 -1.76
CA ASP B 65 -10.92 15.21 -0.65
C ASP B 65 -12.12 14.84 0.20
N GLU B 66 -13.08 14.10 -0.36
CA GLU B 66 -14.21 13.60 0.42
C GLU B 66 -14.05 12.13 0.80
N LEU B 67 -13.15 11.41 0.15
CA LEU B 67 -12.87 10.03 0.51
C LEU B 67 -11.79 9.90 1.60
N LEU B 68 -10.99 10.94 1.81
CA LEU B 68 -9.89 10.88 2.76
C LEU B 68 -10.32 11.09 4.21
N GLU B 69 -11.59 11.39 4.46
CA GLU B 69 -12.06 11.50 5.84
C GLU B 69 -12.40 10.15 6.46
N VAL B 70 -12.57 9.11 5.66
CA VAL B 70 -12.73 7.77 6.20
C VAL B 70 -11.41 7.33 6.82
N ASP B 71 -11.48 6.85 8.06
CA ASP B 71 -10.27 6.69 8.88
C ASP B 71 -9.36 5.57 8.39
N HIS B 72 -9.87 4.62 7.59
CA HIS B 72 -8.96 3.66 6.97
C HIS B 72 -8.11 4.33 5.90
N ILE B 73 -8.73 5.16 5.06
CA ILE B 73 -7.96 5.93 4.09
C ILE B 73 -7.15 7.01 4.80
N ARG B 74 -7.67 7.54 5.91
CA ARG B 74 -6.91 8.51 6.69
C ARG B 74 -5.64 7.89 7.26
N THR B 75 -5.72 6.65 7.74
CA THR B 75 -4.51 5.97 8.21
C THR B 75 -3.64 5.49 7.05
N ILE B 76 -4.18 5.31 5.85
CA ILE B 76 -3.32 5.14 4.68
C ILE B 76 -2.48 6.39 4.47
N TYR B 77 -3.12 7.57 4.59
CA TYR B 77 -2.42 8.83 4.43
C TYR B 77 -1.37 9.03 5.52
N HIS B 78 -1.73 8.74 6.77
CA HIS B 78 -0.76 8.83 7.86
C HIS B 78 0.35 7.79 7.70
N MET B 79 0.03 6.62 7.15
CA MET B 79 1.05 5.64 6.84
C MET B 79 2.04 6.20 5.83
N PHE B 80 1.54 6.91 4.82
CA PHE B 80 2.43 7.52 3.84
C PHE B 80 3.30 8.60 4.49
N ILE B 81 2.73 9.48 5.29
CA ILE B 81 3.55 10.54 5.85
C ILE B 81 4.48 10.03 6.95
N ALA B 82 4.14 8.91 7.59
CA ALA B 82 5.09 8.27 8.51
C ALA B 82 6.21 7.58 7.75
N LEU B 83 5.91 7.03 6.57
CA LEU B 83 6.98 6.57 5.69
C LEU B 83 7.85 7.73 5.25
N LEU B 84 7.27 8.90 5.05
CA LEU B 84 8.06 10.10 4.74
C LEU B 84 8.93 10.51 5.93
N ILE B 85 8.40 10.39 7.15
CA ILE B 85 9.20 10.68 8.33
C ILE B 85 10.37 9.72 8.42
N LEU B 86 10.12 8.43 8.18
CA LEU B 86 11.21 7.46 8.17
C LEU B 86 12.19 7.75 7.05
N PHE B 87 11.71 8.24 5.90
CA PHE B 87 12.60 8.63 4.81
C PHE B 87 13.55 9.74 5.24
N ILE B 88 12.99 10.82 5.80
CA ILE B 88 13.84 11.94 6.19
C ILE B 88 14.76 11.54 7.34
N LEU B 89 14.30 10.65 8.22
CA LEU B 89 15.16 10.22 9.32
C LEU B 89 16.33 9.38 8.82
N SER B 90 16.05 8.42 7.94
CA SER B 90 17.13 7.63 7.36
C SER B 90 18.08 8.51 6.56
N THR B 91 17.55 9.49 5.82
CA THR B 91 18.40 10.35 5.02
C THR B 91 19.31 11.20 5.90
N LEU B 92 18.75 11.82 6.94
CA LEU B 92 19.56 12.63 7.84
C LEU B 92 20.57 11.78 8.59
N VAL B 93 20.20 10.56 8.97
CA VAL B 93 21.14 9.71 9.69
C VAL B 93 22.28 9.28 8.78
N VAL B 94 21.98 8.92 7.53
CA VAL B 94 23.02 8.54 6.59
C VAL B 94 23.93 9.72 6.30
N ASP B 95 23.36 10.91 6.11
CA ASP B 95 24.19 12.09 5.85
C ASP B 95 25.04 12.45 7.06
N TYR B 96 24.52 12.25 8.28
CA TYR B 96 25.27 12.57 9.48
C TYR B 96 26.35 11.54 9.79
N ILE B 97 26.16 10.29 9.35
CA ILE B 97 27.19 9.28 9.53
C ILE B 97 28.21 9.30 8.40
N ASP B 98 27.87 9.87 7.25
CA ASP B 98 28.82 9.98 6.15
C ASP B 98 29.65 11.26 6.22
N GLU B 99 28.99 12.40 6.45
CA GLU B 99 29.70 13.68 6.52
C GLU B 99 30.14 14.05 7.93
N GLY B 100 29.58 13.40 8.96
CA GLY B 100 29.88 13.70 10.33
C GLY B 100 29.05 14.83 10.92
N ARG B 101 28.59 15.76 10.08
CA ARG B 101 27.81 16.91 10.52
C ARG B 101 27.12 17.49 9.28
N LEU B 102 26.61 18.71 9.41
CA LEU B 102 26.07 19.52 8.30
C LEU B 102 25.00 18.77 7.52
N VAL B 103 23.88 18.54 8.21
CA VAL B 103 22.69 17.93 7.64
C VAL B 103 21.97 18.91 6.73
N LEU B 104 20.95 18.43 6.00
CA LEU B 104 20.02 19.26 5.25
C LEU B 104 20.71 20.04 4.13
N GLU B 105 21.21 19.28 3.16
CA GLU B 105 21.93 19.84 2.02
C GLU B 105 21.01 20.23 0.86
N PHE B 106 20.11 19.33 0.44
CA PHE B 106 19.21 19.53 -0.70
C PHE B 106 20.00 19.75 -2.00
N SER B 107 20.70 18.69 -2.40
CA SER B 107 21.58 18.76 -3.58
C SER B 107 20.81 18.63 -4.89
N LEU B 108 20.05 17.55 -5.05
CA LEU B 108 19.42 17.28 -6.34
C LEU B 108 18.34 18.28 -6.69
N LEU B 109 17.74 18.95 -5.69
CA LEU B 109 16.83 20.04 -5.99
C LEU B 109 17.55 21.31 -6.41
N SER B 110 18.81 21.48 -5.98
CA SER B 110 19.64 22.54 -6.53
C SER B 110 20.12 22.20 -7.93
N TYR B 111 20.20 20.92 -8.27
CA TYR B 111 20.59 20.53 -9.63
C TYR B 111 19.42 20.66 -10.60
N ALA B 112 18.33 19.95 -10.34
CA ALA B 112 17.22 19.88 -11.30
C ALA B 112 16.41 21.17 -11.37
N PHE B 113 16.61 22.10 -10.43
CA PHE B 113 15.98 23.41 -10.47
C PHE B 113 17.04 24.50 -10.61
N GLY B 114 18.01 24.28 -11.48
CA GLY B 114 19.17 25.15 -11.59
C GLY B 114 18.90 26.53 -12.14
N LYS B 115 18.50 26.63 -13.41
CA LYS B 115 18.36 27.90 -14.10
C LYS B 115 16.94 28.46 -13.90
N PHE B 116 16.59 28.70 -12.65
CA PHE B 116 15.25 29.14 -12.30
C PHE B 116 14.95 30.59 -12.69
N PRO B 117 15.92 31.53 -12.63
CA PRO B 117 15.64 32.85 -13.21
C PRO B 117 15.32 32.81 -14.69
N THR B 118 16.08 32.01 -15.46
CA THR B 118 15.75 31.81 -16.87
C THR B 118 14.36 31.22 -17.03
N VAL B 119 14.00 30.27 -16.17
CA VAL B 119 12.69 29.63 -16.25
C VAL B 119 11.59 30.64 -15.97
N VAL B 120 11.76 31.49 -14.95
CA VAL B 120 10.70 32.43 -14.63
C VAL B 120 10.60 33.51 -15.69
N TRP B 121 11.71 33.91 -16.30
CA TRP B 121 11.63 34.88 -17.39
C TRP B 121 10.96 34.29 -18.61
N THR B 122 11.29 33.03 -18.94
CA THR B 122 10.65 32.35 -20.06
C THR B 122 9.16 32.19 -19.83
N TRP B 123 8.76 31.78 -18.62
CA TRP B 123 7.34 31.64 -18.33
C TRP B 123 6.64 32.99 -18.28
N TRP B 124 7.34 34.06 -17.91
CA TRP B 124 6.71 35.37 -17.90
C TRP B 124 6.45 35.87 -19.32
N ILE B 125 7.44 35.73 -20.20
CA ILE B 125 7.22 36.14 -21.58
C ILE B 125 6.22 35.20 -22.27
N MET B 126 6.16 33.94 -21.84
CA MET B 126 5.18 33.00 -22.38
C MET B 126 3.77 33.37 -21.96
N PHE B 127 3.59 33.68 -20.68
CA PHE B 127 2.31 34.13 -20.17
C PHE B 127 1.86 35.40 -20.88
N LEU B 128 2.78 36.37 -21.04
CA LEU B 128 2.43 37.59 -21.74
C LEU B 128 2.05 37.31 -23.19
N SER B 129 2.80 36.44 -23.86
CA SER B 129 2.51 36.13 -25.25
C SER B 129 1.14 35.47 -25.39
N THR B 130 0.91 34.40 -24.65
CA THR B 130 -0.37 33.68 -24.73
C THR B 130 -1.52 34.53 -24.22
N PHE B 131 -1.26 35.53 -23.38
CA PHE B 131 -2.34 36.39 -22.92
C PHE B 131 -2.67 37.49 -23.90
N SER B 132 -1.67 38.00 -24.63
CA SER B 132 -1.86 39.15 -25.51
C SER B 132 -2.10 38.76 -26.96
N VAL B 133 -1.19 37.98 -27.56
CA VAL B 133 -1.21 37.75 -29.01
C VAL B 133 -2.46 36.99 -29.46
N PRO B 134 -2.86 35.88 -28.83
CA PRO B 134 -4.12 35.26 -29.27
C PRO B 134 -5.33 36.15 -29.02
N TYR B 135 -5.36 36.84 -27.87
CA TYR B 135 -6.50 37.70 -27.57
C TYR B 135 -6.57 38.87 -28.55
N PHE B 136 -5.45 39.54 -28.79
CA PHE B 136 -5.46 40.66 -29.73
C PHE B 136 -5.73 40.20 -31.15
N LEU B 137 -5.20 39.04 -31.53
CA LEU B 137 -5.44 38.49 -32.86
C LEU B 137 -6.94 38.24 -33.06
N PHE B 138 -7.58 37.60 -32.09
CA PHE B 138 -9.02 37.33 -32.19
C PHE B 138 -9.83 38.63 -32.17
N GLN B 139 -9.41 39.59 -31.35
CA GLN B 139 -10.10 40.88 -31.30
C GLN B 139 -10.02 41.60 -32.64
N HIS B 140 -8.87 41.52 -33.30
CA HIS B 140 -8.71 42.14 -34.62
C HIS B 140 -9.47 41.38 -35.68
N TRP B 141 -9.59 40.06 -35.54
CA TRP B 141 -10.26 39.25 -36.55
C TRP B 141 -11.78 39.38 -36.50
N ALA B 142 -12.36 39.52 -35.30
CA ALA B 142 -13.82 39.45 -35.19
C ALA B 142 -14.51 40.56 -35.98
N THR B 143 -14.09 41.82 -35.76
CA THR B 143 -14.76 42.93 -36.42
C THR B 143 -14.58 42.89 -37.93
N GLY B 144 -13.38 42.58 -38.39
CA GLY B 144 -13.14 42.46 -39.82
C GLY B 144 -13.91 41.32 -40.46
N TYR B 145 -14.12 40.23 -39.71
CA TYR B 145 -14.97 39.16 -40.20
C TYR B 145 -16.42 39.63 -40.30
N SER B 146 -16.83 40.50 -39.37
CA SER B 146 -18.19 41.03 -39.41
C SER B 146 -18.39 41.95 -40.62
N LYS B 147 -17.41 42.79 -40.93
CA LYS B 147 -17.62 43.88 -41.88
C LYS B 147 -17.16 43.58 -43.31
N SER B 148 -16.13 42.77 -43.50
CA SER B 148 -15.53 42.62 -44.82
C SER B 148 -16.50 42.01 -45.82
N SER B 149 -16.27 42.30 -47.10
CA SER B 149 -17.14 41.77 -48.16
C SER B 149 -16.94 40.27 -48.35
N HIS B 150 -15.70 39.81 -48.36
CA HIS B 150 -15.41 38.40 -48.46
C HIS B 150 -14.73 37.91 -47.19
N PRO B 151 -15.42 37.16 -46.33
CA PRO B 151 -14.80 36.63 -45.11
C PRO B 151 -14.18 35.25 -45.28
N LEU B 152 -14.37 34.59 -46.42
CA LEU B 152 -13.83 33.25 -46.60
C LEU B 152 -12.32 33.27 -46.73
N ILE B 153 -11.76 34.38 -47.19
CA ILE B 153 -10.30 34.48 -47.33
C ILE B 153 -9.68 35.12 -46.09
N ARG B 154 -10.34 36.11 -45.50
CA ARG B 154 -9.79 36.77 -44.33
C ARG B 154 -9.81 35.85 -43.12
N SER B 155 -10.87 35.07 -42.96
CA SER B 155 -10.93 34.12 -41.85
C SER B 155 -9.82 33.09 -41.96
N LEU B 156 -9.59 32.57 -43.17
CA LEU B 156 -8.48 31.65 -43.36
C LEU B 156 -7.14 32.32 -43.10
N PHE B 157 -7.02 33.60 -43.42
CA PHE B 157 -5.75 34.30 -43.20
C PHE B 157 -5.46 34.46 -41.71
N HIS B 158 -6.47 34.90 -40.94
CA HIS B 158 -6.23 35.05 -39.50
C HIS B 158 -6.12 33.69 -38.81
N GLY B 159 -6.79 32.66 -39.33
CA GLY B 159 -6.56 31.32 -38.83
C GLY B 159 -5.13 30.86 -39.09
N PHE B 160 -4.58 31.24 -40.25
CA PHE B 160 -3.18 30.93 -40.53
C PHE B 160 -2.26 31.71 -39.60
N LEU B 161 -2.61 32.94 -39.28
CA LEU B 161 -1.85 33.71 -38.29
C LEU B 161 -1.85 33.01 -36.94
N PHE B 162 -3.02 32.53 -36.49
CA PHE B 162 -3.08 31.85 -35.20
C PHE B 162 -2.34 30.52 -35.24
N MET B 163 -2.41 29.81 -36.37
CA MET B 163 -1.73 28.52 -36.49
C MET B 163 -0.21 28.70 -36.58
N ILE B 164 0.26 29.81 -37.14
CA ILE B 164 1.69 30.10 -37.13
C ILE B 164 2.13 30.71 -35.81
N PHE B 165 1.18 31.16 -34.99
CA PHE B 165 1.53 31.56 -33.63
C PHE B 165 1.66 30.36 -32.69
N GLN B 166 0.60 29.55 -32.60
CA GLN B 166 0.62 28.44 -31.65
C GLN B 166 1.58 27.32 -32.06
N ILE B 167 1.96 27.27 -33.33
CA ILE B 167 3.01 26.35 -33.75
C ILE B 167 4.35 27.07 -33.94
N GLY B 168 4.35 28.38 -34.10
CA GLY B 168 5.59 29.12 -34.22
C GLY B 168 6.10 29.65 -32.90
N VAL B 169 5.26 30.39 -32.17
CA VAL B 169 5.69 30.95 -30.89
C VAL B 169 5.64 29.89 -29.79
N LEU B 170 4.47 29.32 -29.54
CA LEU B 170 4.33 28.25 -28.55
C LEU B 170 4.81 26.91 -29.07
N GLY B 171 5.38 26.85 -30.27
CA GLY B 171 5.90 25.62 -30.81
C GLY B 171 7.40 25.63 -30.94
N PHE B 172 8.00 26.82 -30.91
CA PHE B 172 9.45 26.96 -30.94
C PHE B 172 10.03 27.62 -29.71
N GLY B 173 9.41 28.72 -29.23
CA GLY B 173 9.89 29.45 -28.07
C GLY B 173 10.20 28.60 -26.87
N PRO B 174 9.19 27.89 -26.34
CA PRO B 174 9.46 26.95 -25.24
C PRO B 174 10.40 25.82 -25.65
N THR B 175 10.49 25.51 -26.93
CA THR B 175 11.45 24.49 -27.36
C THR B 175 12.83 25.08 -27.59
N TYR B 176 12.89 26.28 -28.18
CA TYR B 176 14.18 26.89 -28.49
C TYR B 176 14.89 27.35 -27.22
N VAL B 177 14.15 27.92 -26.26
CA VAL B 177 14.74 28.29 -24.99
C VAL B 177 15.36 27.08 -24.31
N VAL B 178 14.63 25.96 -24.31
CA VAL B 178 15.13 24.74 -23.69
C VAL B 178 16.38 24.24 -24.40
N LEU B 179 16.32 24.15 -25.73
CA LEU B 179 17.42 23.56 -26.49
C LEU B 179 18.60 24.51 -26.70
N ALA B 180 18.46 25.79 -26.35
CA ALA B 180 19.56 26.74 -26.47
C ALA B 180 20.17 27.10 -25.13
N TYR B 181 19.36 27.55 -24.17
CA TYR B 181 19.89 27.87 -22.85
C TYR B 181 20.08 26.64 -21.97
N THR B 182 19.62 25.47 -22.42
CA THR B 182 19.95 24.17 -21.82
C THR B 182 19.53 24.12 -20.35
N LEU B 183 18.22 24.16 -20.15
CA LEU B 183 17.67 24.06 -18.81
C LEU B 183 17.88 22.64 -18.26
N PRO B 184 18.12 22.51 -16.96
CA PRO B 184 18.12 21.19 -16.31
C PRO B 184 16.80 20.47 -16.54
N PRO B 185 16.76 19.13 -16.37
CA PRO B 185 15.59 18.37 -16.83
C PRO B 185 14.28 18.76 -16.17
N ALA B 186 14.27 19.00 -14.85
CA ALA B 186 13.03 19.42 -14.22
C ALA B 186 12.64 20.82 -14.64
N SER B 187 13.63 21.71 -14.78
CA SER B 187 13.32 23.10 -15.14
C SER B 187 12.91 23.22 -16.61
N ARG B 188 13.37 22.30 -17.47
CA ARG B 188 12.84 22.27 -18.83
C ARG B 188 11.50 21.57 -18.89
N PHE B 189 11.28 20.59 -18.00
CA PHE B 189 10.00 19.89 -17.97
C PHE B 189 8.88 20.82 -17.53
N ILE B 190 9.14 21.68 -16.55
CA ILE B 190 8.07 22.55 -16.05
C ILE B 190 7.58 23.47 -17.16
N ILE B 191 8.49 24.03 -17.96
CA ILE B 191 8.03 24.97 -18.98
C ILE B 191 7.63 24.29 -20.29
N ILE B 192 8.06 23.04 -20.54
CA ILE B 192 7.45 22.36 -21.68
C ILE B 192 6.05 21.88 -21.31
N PHE B 193 5.82 21.57 -20.03
CA PHE B 193 4.46 21.32 -19.58
C PHE B 193 3.63 22.59 -19.66
N GLU B 194 4.24 23.74 -19.35
CA GLU B 194 3.54 25.00 -19.54
C GLU B 194 3.29 25.30 -21.01
N GLN B 195 4.20 24.87 -21.90
CA GLN B 195 3.99 25.00 -23.33
C GLN B 195 2.79 24.17 -23.78
N ILE B 196 2.73 22.91 -23.35
CA ILE B 196 1.60 22.05 -23.69
C ILE B 196 0.30 22.65 -23.14
N ARG B 197 0.32 23.04 -21.88
CA ARG B 197 -0.88 23.62 -21.26
C ARG B 197 -1.32 24.87 -22.00
N PHE B 198 -0.37 25.73 -22.39
CA PHE B 198 -0.72 26.98 -23.05
C PHE B 198 -1.24 26.74 -24.46
N VAL B 199 -0.62 25.82 -25.20
CA VAL B 199 -1.10 25.59 -26.56
C VAL B 199 -2.47 24.94 -26.52
N MET B 200 -2.69 24.00 -25.60
CA MET B 200 -4.01 23.40 -25.45
C MET B 200 -5.04 24.44 -25.04
N LYS B 201 -4.68 25.32 -24.12
CA LYS B 201 -5.64 26.29 -23.61
C LYS B 201 -5.95 27.35 -24.67
N ALA B 202 -4.95 27.75 -25.45
CA ALA B 202 -5.18 28.72 -26.51
C ALA B 202 -6.03 28.12 -27.62
N HIS B 203 -5.76 26.87 -27.98
CA HIS B 203 -6.61 26.20 -28.97
C HIS B 203 -8.04 26.08 -28.46
N SER B 204 -8.20 25.81 -27.16
CA SER B 204 -9.54 25.75 -26.58
C SER B 204 -10.23 27.10 -26.65
N PHE B 205 -9.51 28.17 -26.31
CA PHE B 205 -10.04 29.52 -26.37
C PHE B 205 -10.52 29.85 -27.77
N VAL B 206 -9.67 29.62 -28.77
CA VAL B 206 -10.01 29.97 -30.14
C VAL B 206 -11.12 29.08 -30.68
N ARG B 207 -11.13 27.80 -30.32
CA ARG B 207 -12.14 26.89 -30.82
C ARG B 207 -13.49 27.06 -30.13
N GLU B 208 -13.52 27.67 -28.95
CA GLU B 208 -14.79 28.07 -28.35
C GLU B 208 -15.24 29.45 -28.77
N ASN B 209 -14.33 30.28 -29.26
CA ASN B 209 -14.72 31.62 -29.70
C ASN B 209 -15.06 31.73 -31.18
N VAL B 210 -14.45 30.92 -32.04
CA VAL B 210 -14.65 31.04 -33.48
C VAL B 210 -16.04 30.55 -33.88
N PRO B 211 -16.51 29.38 -33.42
CA PRO B 211 -17.91 29.03 -33.70
C PRO B 211 -18.90 30.01 -33.08
N ARG B 212 -18.59 30.59 -31.93
CA ARG B 212 -19.47 31.58 -31.34
C ARG B 212 -19.63 32.80 -32.25
N VAL B 213 -18.50 33.34 -32.72
CA VAL B 213 -18.56 34.50 -33.61
C VAL B 213 -19.21 34.13 -34.94
N LEU B 214 -18.91 32.93 -35.46
CA LEU B 214 -19.50 32.53 -36.74
C LEU B 214 -21.01 32.37 -36.62
N ASN B 215 -21.50 31.81 -35.52
CA ASN B 215 -22.94 31.66 -35.35
C ASN B 215 -23.61 33.01 -35.12
N SER B 216 -22.96 33.89 -34.35
CA SER B 216 -23.55 35.21 -34.11
C SER B 216 -23.48 36.11 -35.35
N ALA B 217 -22.59 35.82 -36.29
CA ALA B 217 -22.53 36.56 -37.54
C ALA B 217 -23.43 35.98 -38.61
N LYS B 218 -23.66 34.66 -38.60
CA LYS B 218 -24.72 34.09 -39.42
C LYS B 218 -26.08 34.55 -38.92
N GLU B 219 -26.23 34.75 -37.61
CA GLU B 219 -27.39 35.44 -37.07
C GLU B 219 -27.28 36.94 -37.26
N LYS B 220 -26.07 37.45 -37.50
CA LYS B 220 -25.82 38.85 -37.86
C LYS B 220 -26.28 39.82 -36.77
N PRO B 225 -20.00 38.50 -29.65
CA PRO B 225 -19.65 37.93 -28.35
C PRO B 225 -18.15 37.76 -28.16
N ILE B 226 -17.41 38.87 -28.10
CA ILE B 226 -15.98 38.83 -27.83
C ILE B 226 -15.78 38.67 -26.32
N PRO B 227 -14.73 37.99 -25.88
CA PRO B 227 -14.49 37.85 -24.45
C PRO B 227 -13.93 39.14 -23.85
N THR B 228 -13.89 39.18 -22.54
CA THR B 228 -13.30 40.31 -21.82
C THR B 228 -11.87 39.98 -21.44
N VAL B 229 -11.09 41.05 -21.21
CA VAL B 229 -9.70 40.87 -20.82
C VAL B 229 -9.60 40.18 -19.47
N ASN B 230 -10.49 40.54 -18.54
CA ASN B 230 -10.38 40.02 -17.17
C ASN B 230 -10.65 38.53 -17.10
N GLN B 231 -11.67 38.04 -17.81
CA GLN B 231 -12.03 36.64 -17.67
C GLN B 231 -11.01 35.74 -18.35
N TYR B 232 -10.40 36.18 -19.45
CA TYR B 232 -9.31 35.40 -20.06
C TYR B 232 -8.07 35.45 -19.18
N LEU B 233 -7.77 36.63 -18.62
CA LEU B 233 -6.64 36.77 -17.71
C LEU B 233 -6.77 35.82 -16.52
N TYR B 234 -8.00 35.66 -16.01
CA TYR B 234 -8.22 34.74 -14.90
C TYR B 234 -8.21 33.28 -15.38
N PHE B 235 -8.77 33.02 -16.56
CA PHE B 235 -8.94 31.66 -17.02
C PHE B 235 -7.61 30.99 -17.32
N LEU B 236 -6.66 31.74 -17.89
CA LEU B 236 -5.39 31.06 -18.15
C LEU B 236 -4.60 30.77 -16.87
N PHE B 237 -5.15 31.12 -15.70
CA PHE B 237 -4.64 30.66 -14.41
C PHE B 237 -5.47 29.53 -13.82
N ALA B 238 -6.69 29.31 -14.31
CA ALA B 238 -7.58 28.31 -13.78
C ALA B 238 -7.03 26.89 -14.05
N PRO B 239 -7.44 25.90 -13.23
CA PRO B 239 -6.93 24.55 -13.46
C PRO B 239 -7.45 23.90 -14.72
N THR B 240 -8.70 24.17 -15.10
CA THR B 240 -9.34 23.48 -16.21
C THR B 240 -8.69 23.87 -17.55
N LEU B 241 -9.03 23.12 -18.59
CA LEU B 241 -8.41 23.25 -19.90
C LEU B 241 -9.43 23.50 -20.99
N ILE B 242 -10.65 23.92 -20.63
CA ILE B 242 -11.73 24.22 -21.56
C ILE B 242 -12.19 25.64 -21.30
N TYR B 243 -12.31 26.43 -22.36
CA TYR B 243 -12.71 27.83 -22.15
C TYR B 243 -14.16 27.98 -21.73
N ARG B 244 -14.86 26.88 -21.48
CA ARG B 244 -16.21 27.07 -20.96
C ARG B 244 -16.02 27.93 -19.69
N ASP B 245 -14.95 27.66 -18.93
CA ASP B 245 -14.47 28.39 -17.75
C ASP B 245 -15.17 28.21 -16.41
N SER B 246 -14.65 28.92 -15.42
CA SER B 246 -15.20 28.84 -14.08
C SER B 246 -16.33 29.82 -13.85
N TYR B 247 -17.40 29.70 -14.63
CA TYR B 247 -18.57 30.53 -14.40
C TYR B 247 -19.26 30.11 -13.10
N PRO B 248 -19.36 28.81 -12.80
CA PRO B 248 -19.59 28.42 -11.40
C PRO B 248 -18.32 28.62 -10.58
N ARG B 249 -18.44 29.32 -9.46
CA ARG B 249 -17.30 29.65 -8.63
C ARG B 249 -17.59 29.27 -7.17
N ASN B 250 -16.59 29.46 -6.31
CA ASN B 250 -16.63 29.14 -4.89
C ASN B 250 -16.90 30.39 -4.07
N PRO B 251 -17.44 30.23 -2.85
CA PRO B 251 -17.77 31.40 -2.02
C PRO B 251 -16.56 32.21 -1.56
N THR B 252 -15.57 31.56 -0.97
CA THR B 252 -14.50 32.29 -0.31
C THR B 252 -13.19 31.52 -0.43
N VAL B 253 -12.09 32.26 -0.54
CA VAL B 253 -10.75 31.70 -0.41
C VAL B 253 -10.48 31.42 1.07
N ARG B 254 -10.42 30.15 1.44
CA ARG B 254 -10.08 29.76 2.81
C ARG B 254 -8.57 29.68 2.92
N TRP B 255 -7.98 30.67 3.59
CA TRP B 255 -6.52 30.78 3.60
C TRP B 255 -5.86 29.59 4.29
N GLY B 256 -6.48 29.08 5.35
CA GLY B 256 -5.94 27.88 5.99
C GLY B 256 -6.04 26.66 5.11
N TYR B 257 -7.11 26.56 4.32
CA TYR B 257 -7.30 25.42 3.44
C TYR B 257 -6.28 25.41 2.31
N VAL B 258 -6.13 26.54 1.61
CA VAL B 258 -5.10 26.61 0.58
C VAL B 258 -3.71 26.53 1.20
N ALA B 259 -3.58 26.96 2.46
CA ALA B 259 -2.29 26.83 3.14
C ALA B 259 -1.92 25.37 3.32
N MET B 260 -2.85 24.55 3.82
CA MET B 260 -2.56 23.14 4.00
C MET B 260 -2.44 22.41 2.66
N LYS B 261 -3.13 22.89 1.62
CA LYS B 261 -2.98 22.27 0.30
C LYS B 261 -1.59 22.55 -0.28
N PHE B 262 -1.13 23.79 -0.20
CA PHE B 262 0.24 24.07 -0.63
C PHE B 262 1.26 23.37 0.27
N ALA B 263 0.94 23.20 1.55
CA ALA B 263 1.83 22.43 2.41
C ALA B 263 1.89 20.97 1.96
N GLN B 264 0.76 20.41 1.55
CA GLN B 264 0.77 19.05 1.02
C GLN B 264 1.51 18.98 -0.30
N VAL B 265 1.42 20.02 -1.13
CA VAL B 265 2.23 20.09 -2.34
C VAL B 265 3.71 20.08 -1.99
N PHE B 266 4.09 20.90 -1.01
CA PHE B 266 5.47 20.93 -0.51
C PHE B 266 5.91 19.54 -0.06
N GLY B 267 5.08 18.89 0.75
CA GLY B 267 5.44 17.59 1.29
C GLY B 267 5.50 16.51 0.22
N CYS B 268 4.57 16.55 -0.73
CA CYS B 268 4.57 15.54 -1.79
C CYS B 268 5.75 15.74 -2.73
N PHE B 269 6.12 16.99 -3.01
CA PHE B 269 7.29 17.22 -3.83
C PHE B 269 8.56 16.74 -3.13
N PHE B 270 8.70 17.04 -1.84
CA PHE B 270 9.87 16.54 -1.12
C PHE B 270 9.81 15.03 -0.94
N TYR B 271 8.60 14.46 -0.91
CA TYR B 271 8.47 13.00 -0.82
C TYR B 271 8.89 12.34 -2.12
N VAL B 272 8.55 12.96 -3.25
CA VAL B 272 9.07 12.53 -4.54
C VAL B 272 10.59 12.65 -4.55
N TYR B 273 11.10 13.74 -3.97
CA TYR B 273 12.55 13.90 -3.89
C TYR B 273 13.19 12.75 -3.13
N TYR B 274 12.63 12.41 -1.97
CA TYR B 274 13.21 11.32 -1.20
C TYR B 274 12.99 9.96 -1.86
N ILE B 275 11.88 9.81 -2.60
CA ILE B 275 11.67 8.58 -3.35
C ILE B 275 12.77 8.40 -4.37
N PHE B 276 13.13 9.48 -5.08
CA PHE B 276 14.28 9.41 -5.98
C PHE B 276 15.59 9.28 -5.23
N GLU B 277 15.63 9.68 -3.95
CA GLU B 277 16.88 9.64 -3.19
C GLU B 277 17.18 8.26 -2.64
N ARG B 278 16.16 7.53 -2.19
CA ARG B 278 16.36 6.25 -1.52
C ARG B 278 15.94 5.04 -2.34
N LEU B 279 15.07 5.21 -3.33
CA LEU B 279 14.56 4.08 -4.10
C LEU B 279 14.95 4.10 -5.57
N CYS B 280 15.17 5.28 -6.15
CA CYS B 280 15.62 5.37 -7.52
C CYS B 280 17.09 5.77 -7.65
N ALA B 281 17.75 6.11 -6.55
CA ALA B 281 19.19 6.29 -6.56
C ALA B 281 19.93 4.96 -6.46
N PRO B 282 19.59 4.05 -5.53
CA PRO B 282 20.31 2.76 -5.51
C PRO B 282 20.03 1.90 -6.73
N LEU B 283 18.79 1.91 -7.24
CA LEU B 283 18.45 1.04 -8.36
C LEU B 283 19.02 1.52 -9.68
N PHE B 284 19.27 2.83 -9.83
CA PHE B 284 19.52 3.39 -11.16
C PHE B 284 20.75 4.28 -11.28
N ARG B 285 21.49 4.55 -10.21
CA ARG B 285 22.69 5.38 -10.33
C ARG B 285 23.90 4.49 -10.56
N ASN B 286 24.27 4.33 -11.83
CA ASN B 286 25.54 3.72 -12.22
C ASN B 286 25.67 2.28 -11.76
N ILE B 287 24.61 1.50 -11.93
CA ILE B 287 24.69 0.04 -11.74
C ILE B 287 25.09 -0.52 -13.09
N LYS B 288 26.40 -0.48 -13.36
CA LYS B 288 26.92 -0.73 -14.70
C LYS B 288 28.10 -1.67 -14.68
N GLN B 289 28.01 -2.73 -13.87
CA GLN B 289 28.93 -3.87 -14.01
C GLN B 289 28.35 -4.84 -15.05
N GLU B 290 28.22 -4.31 -16.28
CA GLU B 290 27.32 -4.78 -17.32
C GLU B 290 27.34 -6.29 -17.54
N PRO B 291 26.28 -6.99 -17.12
CA PRO B 291 26.09 -8.37 -17.55
C PRO B 291 25.25 -8.45 -18.82
N PHE B 292 24.51 -7.36 -19.10
CA PHE B 292 23.51 -7.34 -20.18
C PHE B 292 22.53 -8.49 -20.04
N SER B 293 22.24 -8.88 -18.80
CA SER B 293 21.46 -10.08 -18.53
C SER B 293 19.97 -9.78 -18.55
N ALA B 294 19.21 -10.70 -19.14
CA ALA B 294 17.76 -10.58 -19.07
C ALA B 294 17.25 -10.81 -17.66
N ARG B 295 17.99 -11.57 -16.85
CA ARG B 295 17.64 -11.72 -15.45
C ARG B 295 17.77 -10.39 -14.71
N VAL B 296 18.86 -9.66 -14.96
CA VAL B 296 19.04 -8.36 -14.32
C VAL B 296 17.96 -7.39 -14.80
N LEU B 297 17.57 -7.47 -16.08
CA LEU B 297 16.54 -6.58 -16.58
C LEU B 297 15.17 -6.90 -15.98
N VAL B 298 14.85 -8.19 -15.84
CA VAL B 298 13.56 -8.54 -15.27
C VAL B 298 13.55 -8.23 -13.78
N LEU B 299 14.70 -8.35 -13.10
CA LEU B 299 14.74 -7.97 -11.69
C LEU B 299 14.68 -6.46 -11.52
N CYS B 300 15.21 -5.69 -12.48
CA CYS B 300 15.05 -4.24 -12.44
C CYS B 300 13.60 -3.85 -12.65
N VAL B 301 12.95 -4.43 -13.66
CA VAL B 301 11.54 -4.12 -13.90
C VAL B 301 10.66 -4.64 -12.77
N PHE B 302 11.15 -5.59 -11.97
CA PHE B 302 10.39 -6.00 -10.79
C PHE B 302 10.63 -5.05 -9.62
N ASN B 303 11.89 -4.81 -9.26
CA ASN B 303 12.21 -3.99 -8.11
C ASN B 303 11.85 -2.53 -8.28
N SER B 304 11.74 -2.05 -9.53
CA SER B 304 11.34 -0.67 -9.79
C SER B 304 9.83 -0.53 -9.97
N ILE B 305 9.06 -1.47 -9.40
CA ILE B 305 7.61 -1.29 -9.35
C ILE B 305 7.23 -0.46 -8.14
N LEU B 306 7.86 -0.74 -7.00
CA LEU B 306 7.58 0.05 -5.80
C LEU B 306 7.91 1.52 -6.00
N PRO B 307 9.11 1.90 -6.45
CA PRO B 307 9.31 3.34 -6.73
C PRO B 307 8.40 3.85 -7.82
N GLY B 308 8.19 3.05 -8.87
CA GLY B 308 7.29 3.47 -9.93
C GLY B 308 5.87 3.67 -9.44
N VAL B 309 5.34 2.71 -8.69
CA VAL B 309 3.94 2.83 -8.30
C VAL B 309 3.77 3.85 -7.19
N LEU B 310 4.78 4.06 -6.34
CA LEU B 310 4.70 5.13 -5.36
C LEU B 310 4.75 6.50 -6.04
N ILE B 311 5.61 6.65 -7.06
CA ILE B 311 5.62 7.87 -7.85
C ILE B 311 4.26 8.08 -8.50
N LEU B 312 3.67 7.01 -9.05
CA LEU B 312 2.37 7.14 -9.71
C LEU B 312 1.31 7.62 -8.72
N PHE B 313 1.09 6.85 -7.65
CA PHE B 313 0.11 7.24 -6.63
C PHE B 313 0.35 8.66 -6.15
N LEU B 314 1.56 8.93 -5.66
CA LEU B 314 1.82 10.19 -4.97
C LEU B 314 1.88 11.37 -5.92
N THR B 315 2.32 11.20 -7.18
CA THR B 315 2.33 12.35 -8.09
C THR B 315 0.96 12.60 -8.69
N PHE B 316 0.15 11.55 -8.91
CA PHE B 316 -1.26 11.78 -9.19
C PHE B 316 -1.89 12.61 -8.10
N PHE B 317 -1.82 12.09 -6.86
CA PHE B 317 -2.32 12.81 -5.70
C PHE B 317 -1.82 14.25 -5.70
N ALA B 318 -0.51 14.43 -5.63
CA ALA B 318 0.12 15.72 -5.50
C ALA B 318 -0.36 16.66 -6.58
N PHE B 319 0.01 16.38 -7.84
CA PHE B 319 -0.30 17.31 -8.91
C PHE B 319 -1.80 17.56 -8.95
N LEU B 320 -2.60 16.53 -9.31
CA LEU B 320 -4.01 16.81 -9.51
C LEU B 320 -4.64 17.32 -8.23
N HIS B 321 -4.77 16.43 -7.24
CA HIS B 321 -5.55 16.77 -6.06
C HIS B 321 -5.02 18.04 -5.42
N CYS B 322 -3.80 18.02 -4.87
CA CYS B 322 -3.50 19.17 -4.03
C CYS B 322 -2.98 20.35 -4.86
N TRP B 323 -2.20 20.12 -5.93
CA TRP B 323 -1.74 21.28 -6.69
C TRP B 323 -2.92 22.04 -7.27
N LEU B 324 -3.76 21.38 -8.08
CA LEU B 324 -4.78 22.22 -8.68
C LEU B 324 -6.01 22.38 -7.80
N ASN B 325 -6.05 21.76 -6.60
CA ASN B 325 -7.05 22.22 -5.63
C ASN B 325 -6.59 23.44 -4.87
N ALA B 326 -5.28 23.59 -4.63
CA ALA B 326 -4.76 24.85 -4.12
C ALA B 326 -4.99 25.96 -5.13
N PHE B 327 -4.68 25.70 -6.41
CA PHE B 327 -4.97 26.69 -7.43
C PHE B 327 -6.44 26.70 -7.87
N ALA B 328 -7.28 25.87 -7.26
CA ALA B 328 -8.72 25.99 -7.38
C ALA B 328 -9.29 26.93 -6.30
N GLU B 329 -9.03 26.61 -5.03
CA GLU B 329 -9.57 27.41 -3.94
C GLU B 329 -8.83 28.72 -3.73
N MET B 330 -7.61 28.85 -4.26
CA MET B 330 -6.99 30.17 -4.32
C MET B 330 -7.69 31.04 -5.36
N LEU B 331 -8.16 30.44 -6.44
CA LEU B 331 -8.84 31.15 -7.50
C LEU B 331 -10.35 31.01 -7.43
N ARG B 332 -10.87 30.41 -6.36
CA ARG B 332 -12.31 30.27 -6.13
C ARG B 332 -13.02 29.45 -7.22
N PHE B 333 -12.28 28.60 -7.94
CA PHE B 333 -12.90 27.67 -8.88
C PHE B 333 -12.43 26.26 -8.52
N GLY B 334 -13.12 25.67 -7.55
CA GLY B 334 -12.97 24.27 -7.23
C GLY B 334 -14.26 23.56 -7.58
N ASP B 335 -14.93 24.09 -8.60
CA ASP B 335 -16.27 23.69 -8.98
C ASP B 335 -16.28 22.60 -10.05
N ARG B 336 -15.33 21.68 -10.01
CA ARG B 336 -15.30 20.55 -10.92
C ARG B 336 -14.44 19.46 -10.33
N MET B 337 -14.73 18.23 -10.74
CA MET B 337 -13.88 17.09 -10.43
C MET B 337 -12.78 16.96 -11.47
N PHE B 338 -11.66 16.41 -11.05
CA PHE B 338 -10.50 16.26 -11.93
C PHE B 338 -10.10 14.81 -12.14
N TYR B 339 -10.84 13.87 -11.56
CA TYR B 339 -10.59 12.45 -11.72
C TYR B 339 -11.71 11.70 -11.01
N LYS B 340 -12.17 10.61 -11.60
CA LYS B 340 -12.96 9.67 -10.84
C LYS B 340 -12.02 8.57 -10.35
N ASP B 341 -12.58 7.51 -9.77
CA ASP B 341 -11.74 6.41 -9.29
C ASP B 341 -11.21 5.62 -10.47
N TRP B 342 -9.95 5.85 -10.82
CA TRP B 342 -9.30 5.06 -11.86
C TRP B 342 -8.81 3.71 -11.34
N TRP B 343 -8.56 3.61 -10.03
CA TRP B 343 -8.20 2.33 -9.43
C TRP B 343 -9.33 1.31 -9.47
N ASN B 344 -10.55 1.74 -9.79
CA ASN B 344 -11.71 0.86 -9.95
C ASN B 344 -12.19 1.01 -11.38
N SER B 345 -11.66 0.18 -12.27
CA SER B 345 -12.04 0.18 -13.68
C SER B 345 -12.26 -1.24 -14.14
N THR B 346 -13.53 -1.60 -14.41
CA THR B 346 -13.82 -2.94 -14.89
C THR B 346 -13.15 -3.21 -16.24
N SER B 347 -13.03 -2.18 -17.07
CA SER B 347 -12.44 -2.31 -18.40
C SER B 347 -11.34 -1.26 -18.57
N TYR B 348 -10.44 -1.54 -19.51
CA TYR B 348 -9.35 -0.60 -19.80
C TYR B 348 -9.85 0.62 -20.57
N SER B 349 -10.79 0.40 -21.50
CA SER B 349 -11.48 1.53 -22.12
C SER B 349 -12.25 2.33 -21.09
N ASN B 350 -12.76 1.66 -20.05
CA ASN B 350 -13.36 2.38 -18.93
C ASN B 350 -12.30 3.10 -18.11
N TYR B 351 -11.06 2.61 -18.13
CA TYR B 351 -9.99 3.29 -17.41
C TYR B 351 -9.51 4.54 -18.13
N TYR B 352 -9.65 4.57 -19.46
CA TYR B 352 -9.22 5.73 -20.23
C TYR B 352 -10.03 6.98 -19.88
N ARG B 353 -11.33 6.83 -19.69
CA ARG B 353 -12.21 7.98 -19.47
C ARG B 353 -12.02 8.61 -18.09
N THR B 354 -11.36 7.94 -17.16
CA THR B 354 -11.36 8.40 -15.77
C THR B 354 -9.95 8.37 -15.19
N TRP B 355 -8.99 8.94 -15.89
CA TRP B 355 -7.69 9.29 -15.30
C TRP B 355 -7.21 10.57 -15.96
N ASN B 356 -6.90 11.57 -15.13
CA ASN B 356 -6.53 12.91 -15.61
C ASN B 356 -7.60 13.43 -16.56
N VAL B 357 -8.81 13.60 -16.01
CA VAL B 357 -9.98 13.91 -16.82
C VAL B 357 -9.92 15.29 -17.45
N VAL B 358 -8.97 16.13 -17.06
CA VAL B 358 -8.80 17.41 -17.74
C VAL B 358 -8.21 17.21 -19.14
N VAL B 359 -7.06 16.53 -19.22
CA VAL B 359 -6.47 16.20 -20.51
C VAL B 359 -7.42 15.33 -21.31
N HIS B 360 -8.14 14.43 -20.64
CA HIS B 360 -9.10 13.61 -21.37
C HIS B 360 -10.24 14.45 -21.93
N ASP B 361 -10.73 15.42 -21.16
CA ASP B 361 -11.78 16.30 -21.66
C ASP B 361 -11.30 17.03 -22.91
N TRP B 362 -10.12 17.64 -22.83
CA TRP B 362 -9.58 18.33 -24.00
C TRP B 362 -9.48 17.39 -25.20
N LEU B 363 -8.74 16.29 -25.03
CA LEU B 363 -8.51 15.33 -26.10
C LEU B 363 -9.81 14.81 -26.68
N TYR B 364 -10.58 14.07 -25.88
CA TYR B 364 -11.87 13.54 -26.32
C TYR B 364 -12.69 14.61 -27.01
N TYR B 365 -13.10 15.67 -26.28
CA TYR B 365 -14.02 16.64 -26.87
C TYR B 365 -13.45 17.21 -28.16
N TYR B 366 -12.38 18.00 -28.07
CA TYR B 366 -11.95 18.73 -29.25
C TYR B 366 -11.40 17.79 -30.31
N ALA B 367 -10.36 17.04 -30.00
CA ALA B 367 -9.73 16.19 -31.00
C ALA B 367 -10.70 15.16 -31.55
N TYR B 368 -11.34 14.36 -30.67
CA TYR B 368 -12.22 13.32 -31.14
C TYR B 368 -13.38 13.88 -31.96
N LYS B 369 -14.14 14.84 -31.41
CA LYS B 369 -15.31 15.34 -32.10
C LYS B 369 -14.95 15.98 -33.45
N ASP B 370 -13.92 16.83 -33.47
CA ASP B 370 -13.58 17.49 -34.73
C ASP B 370 -12.95 16.52 -35.72
N PHE B 371 -12.14 15.58 -35.23
CA PHE B 371 -11.41 14.64 -36.07
C PHE B 371 -12.31 13.55 -36.63
N LEU B 372 -13.49 13.34 -36.04
CA LEU B 372 -14.47 12.44 -36.64
C LEU B 372 -15.53 13.17 -37.46
N TRP B 373 -15.89 14.40 -37.06
CA TRP B 373 -16.88 15.16 -37.82
C TRP B 373 -16.31 15.64 -39.15
N PHE B 374 -15.01 15.91 -39.21
CA PHE B 374 -14.37 16.32 -40.45
C PHE B 374 -13.92 15.14 -41.31
N PHE B 375 -13.61 14.00 -40.68
CA PHE B 375 -13.22 12.81 -41.44
C PHE B 375 -14.44 12.04 -41.92
N SER B 376 -15.53 12.05 -41.15
CA SER B 376 -16.76 11.34 -41.48
C SER B 376 -16.50 9.85 -41.70
N LYS B 377 -15.77 9.26 -40.77
CA LYS B 377 -15.43 7.85 -40.86
C LYS B 377 -16.64 6.98 -40.58
N ARG B 378 -16.65 5.78 -41.18
CA ARG B 378 -17.76 4.85 -40.97
C ARG B 378 -17.72 4.23 -39.58
N PHE B 379 -16.52 4.01 -39.03
CA PHE B 379 -16.34 3.41 -37.72
C PHE B 379 -15.69 4.41 -36.79
N LYS B 380 -16.27 4.57 -35.59
CA LYS B 380 -15.73 5.49 -34.59
C LYS B 380 -14.59 4.88 -33.79
N SER B 381 -14.43 3.56 -33.85
CA SER B 381 -13.30 2.91 -33.17
C SER B 381 -11.98 3.33 -33.80
N ALA B 382 -11.96 3.53 -35.12
CA ALA B 382 -10.76 4.05 -35.77
C ALA B 382 -10.44 5.46 -35.27
N ALA B 383 -11.47 6.27 -35.05
CA ALA B 383 -11.24 7.63 -34.53
C ALA B 383 -10.75 7.59 -33.09
N MET B 384 -11.26 6.66 -32.28
CA MET B 384 -10.76 6.51 -30.91
C MET B 384 -9.30 6.08 -30.92
N LEU B 385 -8.94 5.13 -31.78
CA LEU B 385 -7.54 4.74 -31.88
C LEU B 385 -6.68 5.89 -32.41
N ALA B 386 -7.23 6.73 -33.27
CA ALA B 386 -6.46 7.86 -33.79
C ALA B 386 -6.20 8.90 -32.71
N VAL B 387 -7.22 9.22 -31.89
CA VAL B 387 -6.99 10.19 -30.83
C VAL B 387 -6.11 9.60 -29.74
N PHE B 388 -6.18 8.28 -29.52
CA PHE B 388 -5.23 7.66 -28.60
C PHE B 388 -3.81 7.70 -29.16
N ALA B 389 -3.66 7.56 -30.47
CA ALA B 389 -2.33 7.68 -31.08
C ALA B 389 -1.79 9.10 -30.95
N VAL B 390 -2.65 10.11 -31.14
CA VAL B 390 -2.17 11.47 -31.01
C VAL B 390 -1.86 11.80 -29.55
N SER B 391 -2.61 11.22 -28.60
CA SER B 391 -2.27 11.40 -27.19
C SER B 391 -0.95 10.72 -26.86
N ALA B 392 -0.72 9.53 -27.42
CA ALA B 392 0.55 8.84 -27.22
C ALA B 392 1.71 9.64 -27.78
N VAL B 393 1.53 10.22 -28.97
CA VAL B 393 2.64 10.99 -29.55
C VAL B 393 2.84 12.30 -28.79
N VAL B 394 1.77 12.86 -28.21
CA VAL B 394 1.94 14.07 -27.40
C VAL B 394 2.72 13.77 -26.13
N HIS B 395 2.35 12.69 -25.43
CA HIS B 395 3.09 12.29 -24.24
C HIS B 395 4.54 11.93 -24.58
N GLU B 396 4.75 11.25 -25.72
CA GLU B 396 6.10 10.89 -26.12
C GLU B 396 6.93 12.13 -26.44
N TYR B 397 6.32 13.13 -27.08
CA TYR B 397 7.03 14.37 -27.36
C TYR B 397 7.38 15.11 -26.08
N ALA B 398 6.45 15.13 -25.12
CA ALA B 398 6.73 15.78 -23.84
C ALA B 398 7.90 15.11 -23.14
N LEU B 399 7.87 13.78 -23.06
CA LEU B 399 8.96 13.05 -22.42
C LEU B 399 10.25 13.19 -23.21
N ALA B 400 10.18 13.32 -24.54
CA ALA B 400 11.39 13.44 -25.33
C ALA B 400 12.03 14.81 -25.20
N VAL B 401 11.23 15.86 -25.02
CA VAL B 401 11.83 17.18 -24.87
C VAL B 401 12.28 17.41 -23.43
N CYS B 402 11.61 16.82 -22.44
CA CYS B 402 12.07 17.02 -21.07
C CYS B 402 13.22 16.07 -20.71
N LEU B 403 13.30 14.92 -21.37
CA LEU B 403 14.39 13.97 -21.15
C LEU B 403 15.52 14.10 -22.16
N SER B 404 15.25 14.67 -23.33
CA SER B 404 16.21 14.70 -24.45
C SER B 404 16.55 13.28 -24.90
N PHE B 405 15.50 12.52 -25.23
CA PHE B 405 15.71 11.10 -25.52
C PHE B 405 14.72 10.59 -26.55
N PHE B 406 15.19 9.63 -27.34
CA PHE B 406 14.38 8.76 -28.18
C PHE B 406 13.97 7.55 -27.33
N TYR B 407 13.61 6.45 -28.00
CA TYR B 407 13.20 5.20 -27.36
C TYR B 407 11.88 5.40 -26.63
N PRO B 408 10.78 5.61 -27.36
CA PRO B 408 9.47 5.78 -26.72
C PRO B 408 8.86 4.43 -26.33
N VAL B 409 9.34 3.88 -25.21
CA VAL B 409 8.73 2.67 -24.68
C VAL B 409 7.31 2.96 -24.24
N LEU B 410 7.00 4.21 -23.93
CA LEU B 410 5.61 4.59 -23.64
C LEU B 410 4.72 4.35 -24.85
N PHE B 411 5.19 4.71 -26.04
CA PHE B 411 4.37 4.58 -27.25
C PHE B 411 4.08 3.11 -27.57
N VAL B 412 5.13 2.30 -27.71
CA VAL B 412 4.93 0.91 -28.09
C VAL B 412 4.27 0.12 -26.96
N LEU B 413 4.56 0.47 -25.70
CA LEU B 413 3.93 -0.19 -24.57
C LEU B 413 2.44 0.16 -24.51
N PHE B 414 2.10 1.42 -24.80
CA PHE B 414 0.71 1.83 -24.87
C PHE B 414 -0.04 1.07 -25.96
N MET B 415 0.57 0.97 -27.15
CA MET B 415 -0.06 0.24 -28.24
C MET B 415 -0.21 -1.24 -27.90
N PHE B 416 0.79 -1.83 -27.24
CA PHE B 416 0.73 -3.24 -26.90
C PHE B 416 -0.36 -3.51 -25.86
N PHE B 417 -0.43 -2.70 -24.81
CA PHE B 417 -1.46 -2.88 -23.79
C PHE B 417 -2.83 -2.49 -24.29
N GLY B 418 -2.92 -1.68 -25.36
CA GLY B 418 -4.21 -1.38 -25.96
C GLY B 418 -4.72 -2.49 -26.85
N MET B 419 -3.87 -3.00 -27.74
CA MET B 419 -4.25 -4.05 -28.67
C MET B 419 -4.19 -5.44 -28.05
N ALA B 420 -3.70 -5.57 -26.81
CA ALA B 420 -3.73 -6.83 -26.10
C ALA B 420 -4.97 -7.00 -25.25
N PHE B 421 -5.60 -5.90 -24.84
CA PHE B 421 -6.87 -5.94 -24.12
C PHE B 421 -8.07 -5.90 -25.07
N ASN B 422 -7.85 -5.63 -26.35
CA ASN B 422 -8.95 -5.49 -27.30
C ASN B 422 -9.56 -6.84 -27.67
N PHE B 423 -8.78 -7.91 -27.65
CA PHE B 423 -9.29 -9.23 -28.02
C PHE B 423 -9.33 -10.16 -26.82
N PRO B 432 -14.20 -9.30 -12.23
CA PRO B 432 -13.16 -8.66 -11.44
C PRO B 432 -11.79 -9.26 -11.70
N ILE B 433 -11.73 -10.36 -12.45
CA ILE B 433 -10.43 -10.89 -12.86
C ILE B 433 -9.76 -9.91 -13.82
N TRP B 434 -10.55 -9.19 -14.62
CA TRP B 434 -9.98 -8.19 -15.50
C TRP B 434 -9.47 -6.98 -14.72
N ASN B 435 -10.01 -6.71 -13.54
CA ASN B 435 -9.40 -5.68 -12.70
C ASN B 435 -8.02 -6.10 -12.23
N VAL B 436 -7.84 -7.38 -11.90
CA VAL B 436 -6.53 -7.89 -11.53
C VAL B 436 -5.59 -7.86 -12.73
N LEU B 437 -6.11 -8.13 -13.92
CA LEU B 437 -5.29 -8.01 -15.12
C LEU B 437 -4.91 -6.55 -15.39
N MET B 438 -5.84 -5.63 -15.12
CA MET B 438 -5.53 -4.21 -15.26
C MET B 438 -4.44 -3.79 -14.28
N TRP B 439 -4.50 -4.30 -13.04
CA TRP B 439 -3.51 -3.92 -12.06
C TRP B 439 -2.16 -4.54 -12.35
N THR B 440 -2.13 -5.79 -12.84
CA THR B 440 -0.85 -6.38 -13.19
C THR B 440 -0.26 -5.72 -14.43
N SER B 441 -1.11 -5.36 -15.39
CA SER B 441 -0.63 -4.62 -16.55
C SER B 441 -0.13 -3.24 -16.15
N LEU B 442 -0.83 -2.57 -15.23
CA LEU B 442 -0.44 -1.24 -14.81
C LEU B 442 0.86 -1.28 -14.01
N PHE B 443 1.01 -2.27 -13.14
CA PHE B 443 2.26 -2.41 -12.39
C PHE B 443 3.42 -2.74 -13.31
N LEU B 444 3.24 -3.71 -14.20
CA LEU B 444 4.34 -4.08 -15.09
C LEU B 444 4.68 -2.94 -16.05
N GLY B 445 3.66 -2.21 -16.53
CA GLY B 445 3.92 -1.13 -17.46
C GLY B 445 4.55 0.08 -16.79
N ASN B 446 4.07 0.43 -15.60
CA ASN B 446 4.71 1.52 -14.85
C ASN B 446 6.14 1.15 -14.48
N GLY B 447 6.36 -0.10 -14.09
CA GLY B 447 7.71 -0.56 -13.79
C GLY B 447 8.62 -0.48 -15.00
N VAL B 448 8.17 -0.99 -16.15
CA VAL B 448 9.02 -0.98 -17.34
C VAL B 448 9.22 0.45 -17.85
N LEU B 449 8.20 1.30 -17.72
CA LEU B 449 8.33 2.69 -18.16
C LEU B 449 9.37 3.43 -17.34
N LEU B 450 9.23 3.41 -16.01
CA LEU B 450 10.21 4.06 -15.15
C LEU B 450 11.59 3.43 -15.32
N CYS B 451 11.63 2.10 -15.40
CA CYS B 451 12.92 1.41 -15.54
C CYS B 451 13.63 1.83 -16.81
N PHE B 452 12.94 1.79 -17.96
CA PHE B 452 13.60 2.07 -19.23
C PHE B 452 13.93 3.55 -19.39
N TYR B 453 13.04 4.44 -18.95
CA TYR B 453 13.34 5.87 -19.07
C TYR B 453 14.48 6.27 -18.13
N SER B 454 14.44 5.82 -16.88
CA SER B 454 15.56 6.08 -15.98
C SER B 454 16.83 5.41 -16.47
N GLN B 455 16.70 4.24 -17.10
CA GLN B 455 17.86 3.53 -17.64
C GLN B 455 18.53 4.35 -18.73
N GLU B 456 17.74 4.87 -19.66
CA GLU B 456 18.31 5.72 -20.71
C GLU B 456 18.90 7.00 -20.12
N TRP B 457 18.19 7.63 -19.18
CA TRP B 457 18.68 8.89 -18.62
C TRP B 457 20.01 8.70 -17.90
N TYR B 458 20.13 7.64 -17.10
CA TYR B 458 21.38 7.35 -16.41
C TYR B 458 22.38 6.61 -17.29
N ALA B 459 21.98 6.23 -18.51
CA ALA B 459 22.91 5.63 -19.46
C ALA B 459 23.63 6.70 -20.28
N ARG B 460 22.93 7.76 -20.68
CA ARG B 460 23.63 8.88 -21.31
C ARG B 460 24.40 9.68 -20.28
N GLN B 461 23.90 9.76 -19.04
CA GLN B 461 24.69 10.32 -17.96
C GLN B 461 25.86 9.43 -17.58
N HIS B 462 25.82 8.15 -17.94
CA HIS B 462 26.96 7.26 -17.73
C HIS B 462 28.03 7.50 -18.80
N CYS B 463 27.64 7.44 -20.07
CA CYS B 463 28.57 7.67 -21.16
C CYS B 463 27.96 8.60 -22.21
C1 CLR C . -5.17 3.60 -2.88
C2 CLR C . -6.20 2.63 -3.46
C3 CLR C . -7.54 2.84 -2.77
C4 CLR C . -8.04 4.24 -3.06
C5 CLR C . -7.01 5.26 -2.64
C6 CLR C . -7.44 6.32 -1.95
C7 CLR C . -6.52 7.29 -1.24
C8 CLR C . -5.16 7.33 -1.90
C9 CLR C . -4.65 5.93 -2.21
C10 CLR C . -5.58 5.05 -3.06
C11 CLR C . -3.23 5.97 -2.82
C12 CLR C . -2.26 6.74 -1.95
C13 CLR C . -2.78 8.12 -1.59
C14 CLR C . -4.14 7.95 -0.95
C15 CLR C . -4.45 9.31 -0.33
C16 CLR C . -3.08 9.71 0.24
C17 CLR C . -2.02 8.87 -0.50
C18 CLR C . -2.94 9.00 -2.82
C19 CLR C . -5.49 5.43 -4.53
C20 CLR C . -0.84 9.75 -0.94
C21 CLR C . 0.37 8.93 -1.38
C22 CLR C . -0.50 10.67 0.22
C23 CLR C . 0.92 11.23 0.15
C24 CLR C . 1.17 12.17 1.32
C25 CLR C . 2.58 12.74 1.28
C26 CLR C . 2.71 13.95 2.18
C27 CLR C . 3.62 11.68 1.64
O1 CLR C . -8.51 1.92 -3.28
C1 CLR D . -4.75 -1.42 4.87
C2 CLR D . -5.04 -0.17 5.71
C3 CLR D . -6.50 0.23 5.57
C4 CLR D . -7.37 -0.88 6.13
C5 CLR D . -7.06 -2.18 5.44
C6 CLR D . -8.09 -2.93 5.03
C7 CLR D . -7.96 -4.12 4.12
C8 CLR D . -6.58 -4.76 4.24
C9 CLR D . -5.48 -3.69 4.23
C10 CLR D . -5.62 -2.61 5.30
C11 CLR D . -4.10 -4.35 4.29
C12 CLR D . -3.88 -5.38 3.19
C13 CLR D . -5.02 -6.39 3.14
C14 CLR D . -6.33 -5.65 3.03
C15 CLR D . -7.34 -6.72 2.67
C16 CLR D . -6.54 -7.58 1.68
C17 CLR D . -5.06 -7.30 1.92
C18 CLR D . -5.06 -7.24 4.41
C19 CLR D . -5.16 -3.09 6.66
C20 CLR D . -4.26 -8.59 1.96
C21 CLR D . -2.75 -8.37 1.88
C22 CLR D . -4.75 -9.50 0.84
C23 CLR D . -3.75 -10.56 0.42
C24 CLR D . -4.34 -11.43 -0.69
C25 CLR D . -3.36 -12.52 -1.11
C26 CLR D . -4.07 -13.60 -1.90
C27 CLR D . -2.19 -11.93 -1.90
O1 CLR D . -6.76 1.41 6.33
#